data_7NE0
#
_entry.id   7NE0
#
_cell.length_a   136.780
_cell.length_b   136.780
_cell.length_c   430.110
_cell.angle_alpha   90.000
_cell.angle_beta   90.000
_cell.angle_gamma   120.000
#
_symmetry.space_group_name_H-M   'H 3 2'
#
loop_
_entity.id
_entity.type
_entity.pdbx_description
1 polymer Netrin-1
2 polymer Neogenin
3 polymer 'Repulsive Guidance Molecule B'
4 polymer 'Repulsive Guidance Molecule B C-terminal region (chain D)'
5 branched 1,3,4,6-tetra-O-sulfo-beta-D-fructofuranose-(2-1)-2,3,4,6-tetra-O-sulfonato-alpha-D-glucopyranose
6 non-polymer 2-acetamido-2-deoxy-beta-D-glucopyranose
7 non-polymer 'CALCIUM ION'
8 non-polymer 'SULFATE ION'
#
loop_
_entity_poly.entity_id
_entity_poly.type
_entity_poly.pdbx_seq_one_letter_code
_entity_poly.pdbx_strand_id
1 'polypeptide(L)'
;ETGGPGLSMFAGQAAQPDPCSDENGHPRRCIPDFVNAAFGKDVRVSSTCGRPPARYCVVSERGEERLRSCHLCNASDPKK
AHPPAFLTDLNNPHNLTCWQSENYLQFPHNVTLTLSLGKKFEVTYVSLQFCSPRPESMAIYKSMDYGRTWVPFQFYSTQC
RKMYNRPHRAPITKQNEQEAVCTDSHTDMRPLSGGLIAFSTLDGRPSAHDFDNSPVLQDWVTATDIRVAFSRLHTFGDEN
EDDSELARDSYFYAVSDLQVGGRCKCNGHAARCVRDRDDSLVCDCRHNTAGPECDRCKPFHYDRPWQRATAREANECVAC
NCNLHARRCRFNMELYKLSGRKSGGVCLNCRHNTAGRHCHYCKEGYYRDMGKPITHRKACKACDCHPVGAAGKTCNQTTG
QCPCKDGVTGITCNRCAKGYQQSRSPIAPCIKGTKTETSQVAPA
;
A
2 'polypeptide(L)'
;ETGETRVPEVPSSLHVRPLVTSIVVSWTPPENQNIVVRGYAIGYGIGSPHAQTIKVDYKQRYYTIENLDPSSHYVITLKA
FNNVGEGIPLYESAVTRPHTVPDPTPMMPPVGVQASILSHDTIRITWADNSLPKHQKITDSRYYTVRWKTNIPANTKYKN
ANATTLSYLVTGLKPNTLYEFSVMVTKGRRSSTWSMTAHGATFELVPTSPPKDVTVVSKEGKPRTIIVNWQPPSEANGKI
TGYIIYYSTDVNAEIHDWVIEPVVGNRLTHQIQELTLDTPYYFKIQARNSKGMGPMSEAVQFRTPKALGSAGKGSRLPDL
GSDYKPPMSGSNSPHGSPTSPLDSNGTKHHHHHH
;
B
3 'polypeptide(L)' ETGDPCNYHSHAGAREHRRGDQNPPSYLFCGLFGD C
4 'polypeptide(L)'
;PHLRTFKDNFQTCKVEGAWPLIDNNYLSVQVTNVPVVPGSSATATNKITIIFKAHHGCTDQKVYQAVTDDLPAAFVDGTT
SGGDSDAKSLRIVERESGHYVEMHARYIGTTVFVRQVGRYLTLAIRMPEDLAMSYEESQDLQLCVNGCPLSERID(UNK)
(UNK)(UNK)(UNK)(UNK)(UNK)(UNK)(UNK)(UNK)(UNK)
;
D
#
# COMPACT_ATOMS: atom_id res chain seq x y z
N PRO A 17 21.06 10.66 -21.92
CA PRO A 17 21.48 11.79 -21.07
C PRO A 17 20.60 11.97 -19.84
N ASP A 18 19.28 11.75 -19.97
CA ASP A 18 18.27 11.90 -18.92
C ASP A 18 18.40 10.85 -17.79
N PRO A 19 18.48 11.28 -16.50
CA PRO A 19 18.60 10.30 -15.39
C PRO A 19 17.33 9.51 -15.12
N CYS A 20 16.17 10.04 -15.53
CA CYS A 20 14.85 9.43 -15.37
C CYS A 20 14.61 8.22 -16.27
N SER A 21 15.38 8.13 -17.37
CA SER A 21 15.30 7.05 -18.35
C SER A 21 16.38 5.99 -18.09
N ASP A 22 16.00 4.71 -18.20
CA ASP A 22 16.90 3.56 -18.03
C ASP A 22 17.68 3.32 -19.34
N GLU A 23 18.56 2.29 -19.35
CA GLU A 23 19.39 1.91 -20.50
C GLU A 23 18.53 1.51 -21.72
N ASN A 24 17.37 0.88 -21.49
CA ASN A 24 16.41 0.49 -22.53
C ASN A 24 15.42 1.63 -22.79
N GLY A 25 15.16 2.42 -21.75
CA GLY A 25 14.24 3.56 -21.81
C GLY A 25 13.03 3.40 -20.91
N HIS A 26 13.15 2.58 -19.86
CA HIS A 26 12.09 2.32 -18.89
C HIS A 26 12.14 3.33 -17.72
N PRO A 27 11.00 3.67 -17.08
CA PRO A 27 11.05 4.66 -15.98
C PRO A 27 11.79 4.17 -14.74
N ARG A 28 12.50 5.10 -14.06
CA ARG A 28 13.27 4.87 -12.83
C ARG A 28 13.25 6.11 -11.92
N ARG A 29 13.32 5.90 -10.60
CA ARG A 29 13.31 6.93 -9.54
C ARG A 29 14.27 8.10 -9.85
N CYS A 30 13.78 9.35 -9.74
CA CYS A 30 14.56 10.56 -10.01
C CYS A 30 14.78 11.37 -8.75
N ILE A 31 16.04 11.62 -8.41
CA ILE A 31 16.40 12.38 -7.22
C ILE A 31 17.27 13.60 -7.60
N PRO A 32 16.89 14.83 -7.17
CA PRO A 32 17.74 16.01 -7.46
C PRO A 32 19.02 15.93 -6.64
N ASP A 33 20.12 16.50 -7.14
CA ASP A 33 21.43 16.49 -6.47
C ASP A 33 21.43 17.17 -5.10
N PHE A 34 22.27 16.65 -4.17
CA PHE A 34 22.42 17.17 -2.81
C PHE A 34 23.06 18.55 -2.90
N VAL A 35 22.39 19.55 -2.33
CA VAL A 35 22.82 20.96 -2.40
C VAL A 35 22.72 21.64 -1.03
N ASN A 36 23.58 22.65 -0.78
CA ASN A 36 23.50 23.49 0.40
C ASN A 36 22.52 24.59 -0.02
N ALA A 37 21.24 24.40 0.32
CA ALA A 37 20.12 25.29 0.00
C ALA A 37 20.29 26.71 0.56
N ALA A 38 21.13 26.88 1.59
CA ALA A 38 21.40 28.17 2.21
C ALA A 38 22.30 29.06 1.35
N PHE A 39 23.29 28.48 0.64
CA PHE A 39 24.31 29.15 -0.18
C PHE A 39 23.77 30.28 -1.06
N GLY A 40 24.39 31.45 -0.90
CA GLY A 40 24.07 32.68 -1.62
C GLY A 40 22.70 33.30 -1.39
N LYS A 41 21.95 32.81 -0.37
CA LYS A 41 20.60 33.30 -0.09
C LYS A 41 20.53 34.33 1.03
N ASP A 42 19.70 35.37 0.82
CA ASP A 42 19.44 36.47 1.77
C ASP A 42 18.83 35.95 3.07
N VAL A 43 19.43 36.31 4.22
CA VAL A 43 18.99 35.89 5.55
C VAL A 43 18.60 37.13 6.36
N ARG A 44 17.36 37.18 6.88
CA ARG A 44 16.90 38.29 7.69
C ARG A 44 17.25 38.09 9.16
N VAL A 45 18.08 39.00 9.71
CA VAL A 45 18.52 38.93 11.11
C VAL A 45 17.93 40.08 11.94
N SER A 46 17.82 39.88 13.26
CA SER A 46 17.27 40.89 14.16
C SER A 46 18.26 41.99 14.52
N SER A 47 19.58 41.67 14.58
CA SER A 47 20.61 42.65 14.94
C SER A 47 21.92 42.50 14.17
N THR A 48 22.59 43.64 13.92
CA THR A 48 23.88 43.78 13.23
C THR A 48 24.60 45.03 13.75
N CYS A 49 25.89 44.90 14.11
CA CYS A 49 26.72 46.00 14.60
C CYS A 49 27.07 46.99 13.48
N GLY A 50 27.27 48.25 13.85
CA GLY A 50 27.65 49.30 12.91
C GLY A 50 26.66 50.45 12.75
N ARG A 51 25.39 50.23 13.17
CA ARG A 51 24.34 51.25 13.07
C ARG A 51 23.62 51.48 14.42
N PRO A 52 24.13 52.36 15.31
CA PRO A 52 25.35 53.20 15.21
C PRO A 52 26.64 52.40 15.42
N PRO A 53 27.83 52.87 14.94
CA PRO A 53 29.06 52.08 15.13
C PRO A 53 29.47 51.92 16.59
N ALA A 54 29.64 50.66 17.04
CA ALA A 54 29.99 50.32 18.42
C ALA A 54 31.21 49.41 18.51
N ARG A 55 31.87 49.42 19.68
CA ARG A 55 33.06 48.61 19.97
C ARG A 55 32.71 47.21 20.49
N TYR A 56 33.47 46.20 20.03
CA TYR A 56 33.32 44.79 20.43
C TYR A 56 34.68 44.23 20.85
N CYS A 57 34.70 43.27 21.78
CA CYS A 57 35.96 42.70 22.26
C CYS A 57 36.04 41.19 22.09
N VAL A 58 37.14 40.71 21.48
CA VAL A 58 37.41 39.29 21.25
C VAL A 58 38.18 38.72 22.44
N VAL A 59 37.64 37.65 23.06
CA VAL A 59 38.27 36.98 24.19
C VAL A 59 39.02 35.73 23.71
N SER A 60 40.25 35.52 24.22
CA SER A 60 41.12 34.41 23.87
C SER A 60 41.75 33.81 25.12
N GLU A 61 41.62 32.49 25.28
CA GLU A 61 42.15 31.75 26.42
C GLU A 61 43.42 30.98 26.08
N ARG A 62 44.46 31.14 26.90
CA ARG A 62 45.76 30.47 26.75
C ARG A 62 46.30 30.11 28.14
N GLY A 63 46.40 28.81 28.40
CA GLY A 63 46.86 28.28 29.68
C GLY A 63 45.78 28.44 30.73
N GLU A 64 46.05 29.27 31.75
CA GLU A 64 45.13 29.55 32.84
C GLU A 64 44.62 31.02 32.81
N GLU A 65 45.13 31.81 31.85
CA GLU A 65 44.77 33.23 31.71
C GLU A 65 43.90 33.55 30.47
N ARG A 66 43.08 34.60 30.60
CA ARG A 66 42.19 35.11 29.55
C ARG A 66 42.71 36.45 29.04
N LEU A 67 42.66 36.65 27.72
CA LEU A 67 43.12 37.87 27.06
C LEU A 67 42.00 38.47 26.20
N ARG A 68 41.92 39.81 26.15
CA ARG A 68 40.88 40.51 25.38
C ARG A 68 41.47 41.50 24.39
N SER A 69 41.00 41.45 23.12
CA SER A 69 41.41 42.36 22.05
C SER A 69 40.16 43.06 21.50
N CYS A 70 40.04 44.37 21.76
CA CYS A 70 38.87 45.15 21.34
C CYS A 70 39.04 45.79 19.96
N HIS A 71 38.02 45.60 19.09
CA HIS A 71 37.94 46.10 17.73
C HIS A 71 36.65 46.92 17.53
N LEU A 72 36.52 47.61 16.39
CA LEU A 72 35.34 48.42 16.08
C LEU A 72 34.56 47.84 14.90
N CYS A 73 33.21 47.86 15.00
CA CYS A 73 32.32 47.40 13.95
C CYS A 73 31.69 48.60 13.26
N ASN A 74 32.10 48.87 12.00
CA ASN A 74 31.61 49.98 11.19
C ASN A 74 30.91 49.41 9.96
N ALA A 75 29.56 49.53 9.92
CA ALA A 75 28.70 49.02 8.84
C ALA A 75 29.04 49.59 7.45
N SER A 76 29.49 50.85 7.39
CA SER A 76 29.85 51.53 6.15
C SER A 76 31.15 51.01 5.53
N ASP A 77 32.19 50.78 6.35
CA ASP A 77 33.50 50.27 5.91
C ASP A 77 33.40 48.76 5.60
N PRO A 78 33.77 48.31 4.36
CA PRO A 78 33.65 46.88 4.03
C PRO A 78 34.54 45.93 4.83
N LYS A 79 35.72 46.39 5.25
CA LYS A 79 36.67 45.60 6.05
C LYS A 79 36.27 45.52 7.52
N LYS A 80 35.48 46.50 8.01
CA LYS A 80 35.03 46.57 9.41
C LYS A 80 33.60 46.06 9.63
N ALA A 81 32.78 45.99 8.56
CA ALA A 81 31.39 45.53 8.64
C ALA A 81 31.26 44.02 8.76
N HIS A 82 30.13 43.57 9.35
CA HIS A 82 29.76 42.17 9.53
C HIS A 82 28.27 42.00 9.12
N PRO A 83 27.92 42.15 7.81
CA PRO A 83 26.50 42.07 7.42
C PRO A 83 25.92 40.65 7.39
N PRO A 84 24.56 40.46 7.32
CA PRO A 84 24.01 39.09 7.27
C PRO A 84 24.39 38.30 6.01
N ALA A 85 24.93 38.98 4.99
CA ALA A 85 25.39 38.38 3.74
C ALA A 85 26.66 37.52 3.95
N PHE A 86 27.35 37.77 5.09
CA PHE A 86 28.58 37.06 5.50
C PHE A 86 28.32 35.66 6.07
N LEU A 87 27.02 35.30 6.24
CA LEU A 87 26.59 33.98 6.73
C LEU A 87 26.55 33.00 5.56
N THR A 88 25.93 33.45 4.46
CA THR A 88 25.65 32.72 3.23
C THR A 88 26.78 32.74 2.17
N ASP A 89 27.75 33.67 2.29
CA ASP A 89 28.87 33.78 1.35
C ASP A 89 29.82 32.57 1.42
N LEU A 90 30.76 32.45 0.46
CA LEU A 90 31.70 31.33 0.42
C LEU A 90 32.60 31.30 1.66
N ASN A 91 32.64 30.14 2.32
CA ASN A 91 33.45 29.90 3.51
C ASN A 91 34.87 29.60 3.10
N ASN A 92 35.80 30.47 3.52
CA ASN A 92 37.22 30.33 3.23
C ASN A 92 38.01 30.23 4.54
N PRO A 93 38.71 29.11 4.82
CA PRO A 93 39.46 28.99 6.08
C PRO A 93 40.59 30.01 6.23
N HIS A 94 41.21 30.39 5.08
CA HIS A 94 42.29 31.37 4.99
C HIS A 94 41.77 32.78 5.32
N ASN A 95 40.58 33.14 4.78
CA ASN A 95 39.94 34.44 5.02
C ASN A 95 38.49 34.22 5.43
N LEU A 96 38.26 34.07 6.74
CA LEU A 96 36.93 33.84 7.29
C LEU A 96 36.13 35.14 7.32
N THR A 97 34.83 35.04 7.02
CA THR A 97 33.89 36.17 7.01
C THR A 97 32.67 35.81 7.85
N CYS A 98 32.46 36.53 8.96
CA CYS A 98 31.30 36.29 9.82
C CYS A 98 30.46 37.52 10.07
N TRP A 99 29.16 37.29 10.31
CA TRP A 99 28.17 38.29 10.69
C TRP A 99 28.26 38.43 12.20
N GLN A 100 27.94 39.62 12.74
CA GLN A 100 27.98 39.85 14.18
C GLN A 100 26.77 40.63 14.68
N SER A 101 26.10 40.09 15.70
CA SER A 101 24.94 40.67 16.35
C SER A 101 25.32 41.87 17.22
N GLU A 102 24.32 42.67 17.66
CA GLU A 102 24.53 43.82 18.55
C GLU A 102 25.04 43.33 19.91
N ASN A 103 25.92 44.12 20.54
CA ASN A 103 26.53 43.78 21.82
C ASN A 103 25.56 43.66 22.98
N TYR A 104 25.75 42.59 23.78
CA TYR A 104 24.99 42.21 24.98
C TYR A 104 23.47 42.19 24.77
N LEU A 105 22.99 41.18 24.03
CA LEU A 105 21.57 40.95 23.79
C LEU A 105 21.19 39.62 24.48
N GLN A 106 21.55 39.56 25.78
CA GLN A 106 21.34 38.44 26.68
C GLN A 106 19.85 38.27 27.00
N PHE A 107 19.47 37.03 27.35
CA PHE A 107 18.11 36.60 27.75
C PHE A 107 17.46 37.61 28.73
N PRO A 108 16.16 37.97 28.59
CA PRO A 108 15.13 37.46 27.66
C PRO A 108 15.32 37.79 26.19
N HIS A 109 16.04 38.89 25.86
CA HIS A 109 16.29 39.33 24.48
C HIS A 109 16.97 38.24 23.67
N ASN A 110 16.56 38.07 22.40
CA ASN A 110 17.13 37.05 21.52
C ASN A 110 17.56 37.59 20.17
N VAL A 111 18.36 36.81 19.43
CA VAL A 111 18.83 37.14 18.08
C VAL A 111 18.42 35.99 17.17
N THR A 112 17.57 36.29 16.17
CA THR A 112 17.03 35.29 15.23
C THR A 112 17.53 35.46 13.80
N LEU A 113 17.63 34.35 13.05
CA LEU A 113 18.02 34.36 11.63
C LEU A 113 17.00 33.56 10.84
N THR A 114 16.22 34.24 9.99
CA THR A 114 15.21 33.60 9.14
C THR A 114 15.74 33.40 7.74
N LEU A 115 15.66 32.16 7.24
CA LEU A 115 16.09 31.78 5.91
C LEU A 115 14.89 31.26 5.13
N SER A 116 14.63 31.84 3.95
CA SER A 116 13.51 31.43 3.10
C SER A 116 13.99 30.76 1.82
N LEU A 117 13.68 29.46 1.67
CA LEU A 117 14.06 28.66 0.50
C LEU A 117 13.06 28.88 -0.63
N GLY A 118 11.80 29.12 -0.27
CA GLY A 118 10.71 29.35 -1.20
C GLY A 118 10.20 28.10 -1.90
N LYS A 119 10.54 26.92 -1.35
CA LYS A 119 10.15 25.60 -1.89
C LYS A 119 10.38 24.49 -0.86
N LYS A 120 9.60 23.38 -0.96
CA LYS A 120 9.74 22.22 -0.07
C LYS A 120 11.05 21.49 -0.38
N PHE A 121 11.91 21.38 0.64
CA PHE A 121 13.20 20.72 0.58
C PHE A 121 13.27 19.63 1.64
N GLU A 122 13.83 18.47 1.28
CA GLU A 122 14.02 17.38 2.23
C GLU A 122 15.39 17.57 2.91
N VAL A 123 15.40 18.35 4.00
CA VAL A 123 16.57 18.74 4.80
C VAL A 123 17.23 17.54 5.49
N THR A 124 18.54 17.38 5.29
CA THR A 124 19.35 16.33 5.88
C THR A 124 20.10 16.87 7.10
N TYR A 125 20.55 18.14 7.02
CA TYR A 125 21.27 18.81 8.11
C TYR A 125 21.14 20.33 8.09
N VAL A 126 21.34 20.95 9.25
CA VAL A 126 21.38 22.41 9.45
C VAL A 126 22.62 22.65 10.33
N SER A 127 23.65 23.28 9.76
CA SER A 127 24.91 23.54 10.46
C SER A 127 25.25 25.01 10.64
N LEU A 128 25.98 25.32 11.72
CA LEU A 128 26.41 26.67 12.06
C LEU A 128 27.86 26.65 12.60
N GLN A 129 28.75 27.43 11.95
CA GLN A 129 30.15 27.57 12.34
C GLN A 129 30.27 28.96 12.99
N PHE A 130 30.64 28.99 14.27
CA PHE A 130 30.69 30.22 15.06
C PHE A 130 32.07 30.89 15.16
N CYS A 131 32.08 32.23 15.10
CA CYS A 131 33.29 33.05 15.27
C CYS A 131 33.44 33.36 16.76
N SER A 132 32.32 33.68 17.42
CA SER A 132 32.21 33.94 18.86
C SER A 132 31.94 32.59 19.57
N PRO A 133 31.95 32.46 20.92
CA PRO A 133 31.63 31.15 21.51
C PRO A 133 30.18 30.75 21.24
N ARG A 134 29.91 29.44 21.12
CA ARG A 134 28.58 28.88 20.85
C ARG A 134 27.56 29.31 21.93
N PRO A 135 26.26 29.46 21.60
CA PRO A 135 25.31 29.92 22.62
C PRO A 135 25.01 28.88 23.68
N GLU A 136 24.60 29.35 24.87
CA GLU A 136 24.19 28.52 25.99
C GLU A 136 22.83 27.92 25.62
N SER A 137 22.00 28.68 24.87
CA SER A 137 20.68 28.29 24.40
C SER A 137 20.42 28.74 22.95
N MET A 138 20.17 27.75 22.08
CA MET A 138 19.89 27.92 20.64
C MET A 138 18.77 26.96 20.25
N ALA A 139 17.96 27.34 19.24
CA ALA A 139 16.87 26.52 18.73
C ALA A 139 16.70 26.67 17.22
N ILE A 140 16.41 25.53 16.55
CA ILE A 140 16.17 25.47 15.11
C ILE A 140 14.68 25.27 14.89
N TYR A 141 14.09 26.10 14.02
CA TYR A 141 12.67 26.11 13.66
C TYR A 141 12.51 25.96 12.16
N LYS A 142 11.42 25.31 11.75
CA LYS A 142 11.09 25.11 10.34
C LYS A 142 9.67 25.60 10.04
N SER A 143 9.35 25.78 8.75
CA SER A 143 8.02 26.21 8.33
C SER A 143 7.56 25.33 7.18
N MET A 144 6.38 24.70 7.35
CA MET A 144 5.76 23.84 6.34
C MET A 144 5.15 24.72 5.26
N ASP A 145 4.38 25.74 5.69
CA ASP A 145 3.84 26.79 4.83
C ASP A 145 5.00 27.76 4.59
N TYR A 146 4.85 28.73 3.71
CA TYR A 146 5.97 29.60 3.39
C TYR A 146 6.17 30.78 4.39
N GLY A 147 6.30 30.42 5.68
CA GLY A 147 6.57 31.35 6.76
C GLY A 147 5.44 31.73 7.70
N ARG A 148 4.20 31.21 7.47
CA ARG A 148 3.03 31.53 8.30
C ARG A 148 3.15 30.99 9.73
N THR A 149 3.18 29.65 9.89
CA THR A 149 3.34 29.02 11.21
C THR A 149 4.71 28.35 11.32
N TRP A 150 5.27 28.30 12.54
CA TRP A 150 6.58 27.69 12.80
C TRP A 150 6.48 26.49 13.73
N VAL A 151 7.22 25.42 13.39
CA VAL A 151 7.27 24.17 14.15
C VAL A 151 8.75 23.93 14.55
N PRO A 152 9.05 23.65 15.84
CA PRO A 152 10.46 23.41 16.22
C PRO A 152 11.06 22.18 15.56
N PHE A 153 12.38 22.26 15.27
CA PHE A 153 13.16 21.23 14.59
C PHE A 153 14.16 20.55 15.55
N GLN A 154 14.88 21.35 16.36
CA GLN A 154 15.90 20.89 17.33
C GLN A 154 16.22 21.99 18.34
N PHE A 155 16.48 21.59 19.60
CA PHE A 155 16.84 22.51 20.66
C PHE A 155 18.23 22.17 21.22
N TYR A 156 18.98 23.20 21.63
CA TYR A 156 20.31 23.07 22.24
C TYR A 156 20.37 23.99 23.46
N SER A 157 20.52 23.41 24.68
CA SER A 157 20.60 24.17 25.93
C SER A 157 21.20 23.38 27.10
N THR A 158 21.69 24.09 28.13
CA THR A 158 22.24 23.50 29.36
C THR A 158 21.05 23.03 30.22
N GLN A 159 19.98 23.84 30.24
CA GLN A 159 18.75 23.59 30.98
C GLN A 159 17.61 23.55 29.97
N CYS A 160 17.37 22.38 29.37
CA CYS A 160 16.29 22.15 28.40
C CYS A 160 14.92 22.42 29.04
N ARG A 161 14.75 22.00 30.31
CA ARG A 161 13.53 22.17 31.09
C ARG A 161 13.21 23.65 31.29
N LYS A 162 14.11 24.39 31.96
CA LYS A 162 13.95 25.80 32.31
C LYS A 162 13.89 26.75 31.11
N MET A 163 14.62 26.44 30.03
CA MET A 163 14.69 27.32 28.86
C MET A 163 13.69 27.00 27.76
N TYR A 164 13.68 25.75 27.24
CA TYR A 164 12.86 25.37 26.10
C TYR A 164 11.68 24.42 26.39
N ASN A 165 11.37 24.17 27.68
CA ASN A 165 10.27 23.29 28.12
C ASN A 165 10.27 21.94 27.38
N ARG A 166 11.43 21.27 27.41
CA ARG A 166 11.66 19.97 26.79
C ARG A 166 12.56 19.13 27.69
N PRO A 167 12.45 17.78 27.71
CA PRO A 167 13.34 16.99 28.57
C PRO A 167 14.78 16.99 28.09
N HIS A 168 15.73 17.14 29.04
CA HIS A 168 17.17 17.15 28.80
C HIS A 168 17.62 15.73 28.44
N ARG A 169 18.39 15.60 27.34
CA ARG A 169 18.93 14.34 26.81
C ARG A 169 17.83 13.26 26.60
N ALA A 170 16.70 13.68 26.00
CA ALA A 170 15.57 12.80 25.75
C ALA A 170 15.85 11.83 24.58
N PRO A 171 15.67 10.51 24.77
CA PRO A 171 15.90 9.58 23.65
C PRO A 171 14.76 9.65 22.63
N ILE A 172 15.09 9.45 21.34
CA ILE A 172 14.10 9.53 20.25
C ILE A 172 13.08 8.40 20.33
N THR A 173 11.81 8.79 20.50
CA THR A 173 10.68 7.87 20.61
C THR A 173 10.14 7.47 19.23
N LYS A 174 9.79 6.19 19.07
CA LYS A 174 9.21 5.63 17.84
C LYS A 174 7.79 6.17 17.66
N GLN A 175 7.11 6.47 18.79
CA GLN A 175 5.75 6.99 18.86
C GLN A 175 5.62 8.38 18.27
N ASN A 176 6.67 9.22 18.40
CA ASN A 176 6.70 10.56 17.82
C ASN A 176 8.11 10.99 17.42
N GLU A 177 8.45 10.71 16.15
CA GLU A 177 9.73 11.04 15.53
C GLU A 177 9.63 12.43 14.91
N GLN A 178 8.38 12.96 14.78
CA GLN A 178 8.10 14.28 14.22
C GLN A 178 8.19 15.38 15.29
N GLU A 179 8.78 15.05 16.44
CA GLU A 179 8.94 15.98 17.56
C GLU A 179 10.40 16.42 17.69
N ALA A 180 10.60 17.71 17.96
CA ALA A 180 11.91 18.31 18.18
C ALA A 180 12.43 17.84 19.53
N VAL A 181 13.74 17.54 19.60
CA VAL A 181 14.38 17.03 20.81
C VAL A 181 15.45 18.02 21.31
N CYS A 182 15.63 18.13 22.63
CA CYS A 182 16.61 19.00 23.27
C CYS A 182 17.76 18.20 23.90
N THR A 183 19.00 18.69 23.73
CA THR A 183 20.23 18.10 24.28
C THR A 183 21.19 19.20 24.75
N ASP A 184 22.12 18.83 25.65
CA ASP A 184 23.15 19.73 26.13
C ASP A 184 24.42 19.57 25.28
N SER A 185 24.38 18.68 24.28
CA SER A 185 25.47 18.43 23.35
C SER A 185 25.70 19.64 22.47
N HIS A 186 26.97 19.88 22.07
CA HIS A 186 27.42 20.99 21.23
C HIS A 186 27.19 22.40 21.83
N THR A 187 26.89 22.50 23.15
CA THR A 187 26.62 23.79 23.79
C THR A 187 27.84 24.34 24.56
N ASP A 188 28.87 23.49 24.79
CA ASP A 188 30.10 23.85 25.51
C ASP A 188 30.74 25.14 25.01
N MET A 189 31.21 26.00 25.95
CA MET A 189 31.86 27.28 25.64
C MET A 189 33.16 27.06 24.85
N ARG A 190 33.87 25.95 25.12
CA ARG A 190 35.10 25.57 24.41
C ARG A 190 34.69 24.73 23.19
N PRO A 191 35.13 25.07 21.95
CA PRO A 191 36.04 26.16 21.57
C PRO A 191 35.39 27.55 21.56
N LEU A 192 36.11 28.56 22.09
CA LEU A 192 35.65 29.96 22.16
C LEU A 192 35.57 30.63 20.77
N SER A 193 36.14 29.96 19.76
CA SER A 193 36.14 30.37 18.35
C SER A 193 36.24 29.11 17.49
N GLY A 194 35.43 29.04 16.43
CA GLY A 194 35.39 27.91 15.51
C GLY A 194 34.45 26.79 15.92
N GLY A 195 33.60 27.06 16.91
CA GLY A 195 32.63 26.09 17.42
C GLY A 195 31.58 25.73 16.40
N LEU A 196 31.27 24.42 16.27
CA LEU A 196 30.30 23.93 15.30
C LEU A 196 29.09 23.23 15.93
N ILE A 197 27.90 23.51 15.37
CA ILE A 197 26.61 22.90 15.74
C ILE A 197 25.97 22.40 14.44
N ALA A 198 25.99 21.09 14.21
CA ALA A 198 25.39 20.49 13.01
C ALA A 198 24.26 19.54 13.42
N PHE A 199 23.03 19.89 13.01
CA PHE A 199 21.83 19.12 13.32
C PHE A 199 21.48 18.13 12.23
N SER A 200 21.52 16.83 12.57
CA SER A 200 21.17 15.74 11.67
C SER A 200 19.70 15.46 11.89
N THR A 201 18.88 15.73 10.85
CA THR A 201 17.42 15.58 10.86
C THR A 201 16.95 14.15 11.10
N LEU A 202 17.70 13.16 10.61
CA LEU A 202 17.32 11.75 10.77
C LEU A 202 18.11 11.01 11.87
N ASP A 203 18.86 11.77 12.69
CA ASP A 203 19.66 11.21 13.78
C ASP A 203 18.78 10.66 14.89
N GLY A 204 19.11 9.44 15.33
CA GLY A 204 18.43 8.75 16.41
C GLY A 204 17.02 8.25 16.14
N ARG A 205 16.36 8.75 15.06
CA ARG A 205 15.00 8.39 14.66
C ARG A 205 14.94 6.89 14.34
N PRO A 206 14.13 6.11 15.11
CA PRO A 206 14.11 4.64 14.93
C PRO A 206 13.80 4.10 13.53
N SER A 207 12.84 4.70 12.80
CA SER A 207 12.48 4.21 11.48
C SER A 207 13.22 4.91 10.31
N ALA A 208 14.32 5.63 10.62
CA ALA A 208 15.15 6.34 9.63
C ALA A 208 15.78 5.39 8.62
N HIS A 209 16.05 4.15 9.02
CA HIS A 209 16.62 3.10 8.17
C HIS A 209 15.71 2.75 6.99
N ASP A 210 14.37 2.78 7.22
CA ASP A 210 13.35 2.50 6.21
C ASP A 210 12.62 3.80 5.86
N PHE A 211 13.42 4.85 5.52
CA PHE A 211 12.95 6.20 5.18
C PHE A 211 12.01 6.22 3.97
N ASP A 212 12.38 5.53 2.87
CA ASP A 212 11.61 5.43 1.62
C ASP A 212 10.16 4.97 1.84
N ASN A 213 9.93 4.12 2.85
CA ASN A 213 8.60 3.60 3.20
C ASN A 213 7.95 4.31 4.39
N SER A 214 8.68 5.25 5.04
CA SER A 214 8.18 6.00 6.19
C SER A 214 7.73 7.42 5.82
N PRO A 215 6.40 7.67 5.68
CA PRO A 215 5.94 9.04 5.35
C PRO A 215 6.05 10.01 6.52
N VAL A 216 6.05 9.47 7.75
CA VAL A 216 6.15 10.23 9.00
C VAL A 216 7.49 11.00 9.04
N LEU A 217 8.60 10.35 8.67
CA LEU A 217 9.92 10.98 8.63
C LEU A 217 10.14 11.77 7.36
N GLN A 218 9.43 11.39 6.26
CA GLN A 218 9.47 12.09 4.97
C GLN A 218 8.90 13.49 5.15
N ASP A 219 7.92 13.64 6.05
CA ASP A 219 7.29 14.90 6.39
C ASP A 219 8.17 15.68 7.37
N TRP A 220 8.90 14.96 8.23
CA TRP A 220 9.80 15.55 9.24
C TRP A 220 10.96 16.32 8.60
N VAL A 221 11.56 15.76 7.53
CA VAL A 221 12.68 16.36 6.81
C VAL A 221 12.24 17.57 5.96
N THR A 222 10.94 17.64 5.58
CA THR A 222 10.36 18.70 4.75
C THR A 222 10.29 20.05 5.47
N ALA A 223 10.80 21.10 4.81
CA ALA A 223 10.80 22.49 5.30
C ALA A 223 10.91 23.45 4.12
N THR A 224 10.21 24.60 4.20
CA THR A 224 10.23 25.63 3.16
C THR A 224 11.08 26.82 3.61
N ASP A 225 11.19 27.01 4.94
CA ASP A 225 11.96 28.08 5.57
C ASP A 225 12.62 27.55 6.85
N ILE A 226 13.82 28.05 7.18
CA ILE A 226 14.56 27.65 8.40
C ILE A 226 14.87 28.88 9.25
N ARG A 227 14.49 28.85 10.54
CA ARG A 227 14.75 29.94 11.48
C ARG A 227 15.58 29.43 12.65
N VAL A 228 16.71 30.08 12.92
CA VAL A 228 17.59 29.72 14.05
C VAL A 228 17.54 30.88 15.03
N ALA A 229 17.11 30.60 16.27
CA ALA A 229 17.00 31.61 17.32
C ALA A 229 18.02 31.38 18.41
N PHE A 230 18.89 32.38 18.66
CA PHE A 230 19.91 32.35 19.71
C PHE A 230 19.28 33.01 20.93
N SER A 231 18.93 32.22 21.95
CA SER A 231 18.23 32.72 23.13
C SER A 231 19.14 33.19 24.28
N ARG A 232 20.07 32.34 24.74
CA ARG A 232 20.99 32.71 25.83
C ARG A 232 22.45 32.51 25.43
N LEU A 233 23.31 33.47 25.77
CA LEU A 233 24.75 33.41 25.45
C LEU A 233 25.58 33.08 26.69
N HIS A 234 26.75 32.45 26.46
CA HIS A 234 27.68 32.06 27.51
C HIS A 234 28.36 33.28 28.12
N THR A 235 28.46 33.30 29.45
CA THR A 235 29.07 34.41 30.17
C THR A 235 29.94 33.92 31.34
N PHE A 236 30.94 34.72 31.74
CA PHE A 236 31.85 34.43 32.84
C PHE A 236 31.33 34.96 34.19
N GLY A 237 30.40 35.92 34.14
CA GLY A 237 29.78 36.53 35.31
C GLY A 237 30.42 37.84 35.75
N ASP A 238 31.18 38.48 34.83
CA ASP A 238 31.88 39.75 35.08
C ASP A 238 31.10 40.99 34.60
N GLU A 239 29.94 40.78 33.93
CA GLU A 239 29.08 41.86 33.41
C GLU A 239 28.45 42.74 34.50
N ASN A 240 28.18 42.17 35.69
CA ASN A 240 27.56 42.86 36.82
C ASN A 240 28.56 43.59 37.73
N GLU A 241 29.86 43.56 37.37
CA GLU A 241 30.94 44.21 38.11
C GLU A 241 30.88 45.75 38.02
N ASP A 242 31.86 46.46 38.64
CA ASP A 242 31.98 47.92 38.65
C ASP A 242 32.03 48.50 37.23
N ASP A 243 32.85 47.90 36.34
CA ASP A 243 32.96 48.32 34.94
C ASP A 243 32.12 47.38 34.06
N SER A 244 30.94 47.86 33.66
CA SER A 244 29.99 47.11 32.83
C SER A 244 30.31 47.20 31.33
N GLU A 245 30.77 48.39 30.87
CA GLU A 245 31.11 48.69 29.47
C GLU A 245 32.08 47.67 28.84
N LEU A 246 33.29 47.51 29.43
CA LEU A 246 34.33 46.59 28.96
C LEU A 246 33.86 45.13 28.89
N ALA A 247 33.12 44.68 29.92
CA ALA A 247 32.62 43.30 30.02
C ALA A 247 31.50 43.00 29.03
N ARG A 248 30.41 43.79 29.04
CA ARG A 248 29.24 43.60 28.16
C ARG A 248 29.55 43.71 26.67
N ASP A 249 30.62 44.43 26.29
CA ASP A 249 31.07 44.58 24.90
C ASP A 249 31.71 43.30 24.35
N SER A 250 32.16 42.38 25.23
CA SER A 250 32.82 41.13 24.83
C SER A 250 31.87 39.91 24.74
N TYR A 251 30.54 40.14 24.77
CA TYR A 251 29.53 39.08 24.63
C TYR A 251 28.58 39.41 23.47
N PHE A 252 28.64 38.59 22.39
CA PHE A 252 27.86 38.75 21.16
C PHE A 252 27.75 37.42 20.39
N TYR A 253 26.80 37.34 19.44
CA TYR A 253 26.62 36.16 18.58
C TYR A 253 27.25 36.42 17.22
N ALA A 254 28.17 35.54 16.78
CA ALA A 254 28.84 35.66 15.49
C ALA A 254 28.94 34.31 14.78
N VAL A 255 28.50 34.25 13.51
CA VAL A 255 28.46 33.02 12.71
C VAL A 255 29.13 33.26 11.35
N SER A 256 30.11 32.40 10.99
CA SER A 256 30.82 32.47 9.71
C SER A 256 30.18 31.62 8.61
N ASP A 257 29.65 30.44 8.96
CA ASP A 257 29.05 29.54 7.99
C ASP A 257 27.73 28.93 8.44
N LEU A 258 26.69 29.10 7.60
CA LEU A 258 25.35 28.57 7.80
C LEU A 258 25.01 27.65 6.62
N GLN A 259 24.92 26.34 6.88
CA GLN A 259 24.64 25.36 5.83
C GLN A 259 23.37 24.55 6.07
N VAL A 260 22.41 24.67 5.14
CA VAL A 260 21.16 23.91 5.18
C VAL A 260 21.25 22.92 4.02
N GLY A 261 21.70 21.71 4.33
CA GLY A 261 21.88 20.67 3.33
C GLY A 261 20.67 19.77 3.16
N GLY A 262 20.43 19.37 1.93
CA GLY A 262 19.31 18.50 1.57
C GLY A 262 18.89 18.63 0.12
N ARG A 263 18.17 17.61 -0.37
CA ARG A 263 17.70 17.55 -1.75
C ARG A 263 16.30 18.18 -1.88
N CYS A 264 15.99 18.67 -3.10
CA CYS A 264 14.73 19.29 -3.51
C CYS A 264 13.62 18.22 -3.40
N LYS A 265 12.52 18.49 -2.65
CA LYS A 265 11.45 17.50 -2.50
C LYS A 265 10.64 17.37 -3.78
N CYS A 266 10.87 16.27 -4.53
CA CYS A 266 10.18 16.00 -5.80
C CYS A 266 9.54 14.60 -5.82
N ASN A 267 9.39 13.97 -4.63
CA ASN A 267 8.79 12.65 -4.38
C ASN A 267 9.32 11.53 -5.30
N GLY A 268 10.56 11.68 -5.75
CA GLY A 268 11.25 10.72 -6.62
C GLY A 268 10.82 10.77 -8.07
N HIS A 269 10.30 11.93 -8.52
CA HIS A 269 9.83 12.10 -9.89
C HIS A 269 10.54 13.22 -10.68
N ALA A 270 11.63 13.79 -10.13
CA ALA A 270 12.40 14.86 -10.79
C ALA A 270 13.87 14.82 -10.44
N ALA A 271 14.74 15.10 -11.43
CA ALA A 271 16.20 15.13 -11.29
C ALA A 271 16.74 16.55 -11.01
N ARG A 272 15.90 17.60 -11.22
CA ARG A 272 16.28 19.00 -11.01
C ARG A 272 15.08 19.94 -10.78
N CYS A 273 15.32 21.02 -10.00
CA CYS A 273 14.35 22.07 -9.68
C CYS A 273 14.70 23.30 -10.53
N VAL A 274 13.73 23.79 -11.32
CA VAL A 274 13.89 24.92 -12.25
C VAL A 274 12.91 26.06 -11.90
N ARG A 275 13.34 27.33 -12.06
CA ARG A 275 12.49 28.51 -11.86
C ARG A 275 11.52 28.66 -13.04
N ASP A 276 10.20 28.78 -12.75
CA ASP A 276 9.16 28.88 -13.77
C ASP A 276 8.94 30.30 -14.33
N ARG A 277 7.81 30.52 -15.04
CA ARG A 277 7.40 31.77 -15.66
C ARG A 277 7.15 32.93 -14.66
N ASP A 278 6.80 32.60 -13.40
CA ASP A 278 6.56 33.58 -12.34
C ASP A 278 7.77 33.72 -11.39
N ASP A 279 8.94 33.16 -11.81
CA ASP A 279 10.22 33.14 -11.09
C ASP A 279 10.10 32.44 -9.71
N SER A 280 9.46 31.25 -9.71
CA SER A 280 9.23 30.42 -8.53
C SER A 280 9.93 29.07 -8.71
N LEU A 281 10.70 28.61 -7.70
CA LEU A 281 11.41 27.32 -7.73
C LEU A 281 10.39 26.16 -7.68
N VAL A 282 10.40 25.30 -8.73
CA VAL A 282 9.48 24.18 -8.93
C VAL A 282 10.28 22.97 -9.47
N CYS A 283 9.85 21.73 -9.14
CA CYS A 283 10.46 20.49 -9.64
C CYS A 283 10.16 20.37 -11.15
N ASP A 284 11.09 19.77 -11.91
CA ASP A 284 10.88 19.50 -13.33
C ASP A 284 10.35 18.06 -13.37
N CYS A 285 9.05 17.90 -13.02
CA CYS A 285 8.34 16.63 -12.90
C CYS A 285 8.44 15.75 -14.14
N ARG A 286 8.56 14.43 -13.90
CA ARG A 286 8.65 13.36 -14.90
C ARG A 286 7.75 12.18 -14.48
N HIS A 287 7.75 11.07 -15.25
CA HIS A 287 6.91 9.87 -15.05
C HIS A 287 5.41 10.19 -15.18
N ASN A 288 5.09 11.18 -16.06
CA ASN A 288 3.74 11.68 -16.34
C ASN A 288 3.07 12.32 -15.10
N THR A 289 3.85 13.10 -14.33
CA THR A 289 3.34 13.81 -13.14
C THR A 289 3.46 15.33 -13.30
N ALA A 290 2.75 16.06 -12.42
CA ALA A 290 2.73 17.52 -12.35
C ALA A 290 2.59 17.93 -10.89
N GLY A 291 2.89 19.20 -10.60
CA GLY A 291 2.83 19.75 -9.24
C GLY A 291 4.13 20.40 -8.81
N PRO A 292 4.11 21.23 -7.75
CA PRO A 292 5.36 21.89 -7.31
C PRO A 292 6.38 20.92 -6.72
N GLU A 293 5.89 19.84 -6.08
CA GLU A 293 6.69 18.78 -5.43
C GLU A 293 6.39 17.42 -6.08
N CYS A 294 5.76 17.41 -7.28
CA CYS A 294 5.32 16.23 -8.04
C CYS A 294 4.31 15.39 -7.22
N ASP A 295 3.58 16.06 -6.30
CA ASP A 295 2.58 15.46 -5.40
C ASP A 295 1.32 14.95 -6.09
N ARG A 296 0.94 15.57 -7.21
CA ARG A 296 -0.24 15.16 -7.97
C ARG A 296 0.14 14.53 -9.31
N CYS A 297 -0.84 14.28 -10.19
CA CYS A 297 -0.59 13.66 -11.49
C CYS A 297 -1.14 14.46 -12.66
N LYS A 298 -0.36 14.48 -13.78
CA LYS A 298 -0.65 15.17 -15.04
C LYS A 298 -2.05 14.80 -15.58
N PRO A 299 -2.82 15.74 -16.19
CA PRO A 299 -4.15 15.38 -16.70
C PRO A 299 -4.11 14.24 -17.70
N PHE A 300 -5.17 13.41 -17.72
CA PHE A 300 -5.35 12.21 -18.56
C PHE A 300 -4.39 11.07 -18.18
N HIS A 301 -3.87 11.10 -16.93
CA HIS A 301 -2.98 10.07 -16.40
C HIS A 301 -3.50 9.54 -15.05
N TYR A 302 -4.83 9.55 -14.88
CA TYR A 302 -5.48 9.09 -13.63
C TYR A 302 -5.91 7.62 -13.68
N ASP A 303 -5.08 6.76 -14.31
CA ASP A 303 -5.36 5.32 -14.43
C ASP A 303 -4.93 4.57 -13.17
N ARG A 304 -4.07 5.18 -12.33
CA ARG A 304 -3.53 4.62 -11.10
C ARG A 304 -3.43 5.72 -10.02
N PRO A 305 -3.71 5.43 -8.72
CA PRO A 305 -3.59 6.48 -7.69
C PRO A 305 -2.13 6.90 -7.50
N TRP A 306 -1.91 8.20 -7.20
CA TRP A 306 -0.57 8.75 -7.00
C TRP A 306 0.19 8.05 -5.88
N GLN A 307 1.47 7.74 -6.14
CA GLN A 307 2.36 7.09 -5.19
C GLN A 307 3.79 7.59 -5.37
N ARG A 308 4.47 7.87 -4.24
CA ARG A 308 5.86 8.34 -4.19
C ARG A 308 6.79 7.24 -4.67
N ALA A 309 7.84 7.61 -5.45
CA ALA A 309 8.80 6.66 -5.99
C ALA A 309 9.74 6.07 -4.96
N THR A 310 10.03 4.76 -5.08
CA THR A 310 10.95 4.01 -4.23
C THR A 310 12.14 3.50 -5.06
N ALA A 311 13.17 2.93 -4.41
CA ALA A 311 14.37 2.42 -5.07
C ALA A 311 14.09 1.24 -6.01
N ARG A 312 13.24 0.29 -5.57
CA ARG A 312 12.90 -0.90 -6.35
C ARG A 312 11.83 -0.63 -7.41
N GLU A 313 10.78 0.14 -7.06
CA GLU A 313 9.69 0.47 -7.98
C GLU A 313 9.66 1.95 -8.37
N ALA A 314 9.63 2.22 -9.69
CA ALA A 314 9.61 3.56 -10.28
C ALA A 314 8.36 4.37 -9.91
N ASN A 315 7.20 3.68 -9.78
CA ASN A 315 5.89 4.24 -9.44
C ASN A 315 5.48 5.40 -10.37
N GLU A 316 5.54 5.14 -11.69
CA GLU A 316 5.18 6.09 -12.74
C GLU A 316 3.67 6.28 -12.79
N CYS A 317 3.22 7.44 -13.30
CA CYS A 317 1.79 7.71 -13.42
C CYS A 317 1.26 7.17 -14.76
N VAL A 318 0.38 6.15 -14.68
CA VAL A 318 -0.19 5.42 -15.83
C VAL A 318 -1.18 6.27 -16.64
N ALA A 319 -0.96 6.32 -17.96
CA ALA A 319 -1.78 7.06 -18.92
C ALA A 319 -3.12 6.38 -19.19
N CYS A 320 -4.17 7.18 -19.40
CA CYS A 320 -5.52 6.70 -19.73
C CYS A 320 -5.56 6.27 -21.20
N ASN A 321 -6.49 5.36 -21.53
CA ASN A 321 -6.71 4.90 -22.90
C ASN A 321 -8.19 5.04 -23.25
N CYS A 322 -8.50 5.95 -24.17
CA CYS A 322 -9.87 6.23 -24.60
C CYS A 322 -10.09 5.95 -26.11
N ASN A 323 -9.07 5.34 -26.76
CA ASN A 323 -9.04 4.99 -28.19
C ASN A 323 -9.29 6.20 -29.10
N LEU A 324 -8.82 7.39 -28.64
CA LEU A 324 -8.94 8.71 -29.28
C LEU A 324 -10.40 9.14 -29.46
N HIS A 325 -11.23 8.90 -28.44
CA HIS A 325 -12.65 9.27 -28.43
C HIS A 325 -13.01 10.21 -27.28
N ALA A 326 -12.14 10.32 -26.27
CA ALA A 326 -12.35 11.22 -25.13
C ALA A 326 -11.08 11.96 -24.79
N ARG A 327 -11.22 13.25 -24.44
CA ARG A 327 -10.09 14.12 -24.06
C ARG A 327 -9.85 14.12 -22.55
N ARG A 328 -10.89 13.79 -21.75
CA ARG A 328 -10.82 13.77 -20.28
C ARG A 328 -11.20 12.40 -19.69
N CYS A 329 -10.38 11.90 -18.75
CA CYS A 329 -10.60 10.65 -18.02
C CYS A 329 -10.62 10.90 -16.51
N ARG A 330 -11.34 10.06 -15.75
CA ARG A 330 -11.47 10.19 -14.29
C ARG A 330 -11.11 8.87 -13.60
N PHE A 331 -10.58 8.95 -12.36
CA PHE A 331 -10.23 7.77 -11.57
C PHE A 331 -11.41 7.28 -10.74
N ASN A 332 -11.70 5.98 -10.83
CA ASN A 332 -12.75 5.33 -10.07
C ASN A 332 -12.11 4.34 -9.11
N MET A 333 -12.32 4.57 -7.80
CA MET A 333 -11.76 3.73 -6.74
C MET A 333 -12.36 2.32 -6.75
N GLU A 334 -13.69 2.22 -6.95
CA GLU A 334 -14.44 0.97 -7.00
C GLU A 334 -13.98 0.08 -8.16
N LEU A 335 -13.74 0.68 -9.34
CA LEU A 335 -13.25 -0.02 -10.53
C LEU A 335 -11.82 -0.49 -10.34
N TYR A 336 -11.00 0.31 -9.62
CA TYR A 336 -9.60 -0.01 -9.30
C TYR A 336 -9.57 -1.18 -8.31
N LYS A 337 -10.57 -1.22 -7.40
CA LYS A 337 -10.74 -2.28 -6.41
C LYS A 337 -11.22 -3.57 -7.10
N LEU A 338 -12.16 -3.44 -8.07
CA LEU A 338 -12.70 -4.56 -8.85
C LEU A 338 -11.68 -5.17 -9.82
N SER A 339 -10.68 -4.38 -10.26
CA SER A 339 -9.61 -4.81 -11.17
C SER A 339 -8.47 -5.52 -10.42
N GLY A 340 -8.52 -5.49 -9.10
CA GLY A 340 -7.51 -6.10 -8.23
C GLY A 340 -6.25 -5.27 -8.17
N ARG A 341 -6.41 -3.94 -7.93
CA ARG A 341 -5.37 -2.92 -7.83
C ARG A 341 -4.49 -2.85 -9.11
N LYS A 342 -5.13 -2.94 -10.29
CA LYS A 342 -4.44 -2.88 -11.58
C LYS A 342 -4.68 -1.53 -12.26
N SER A 343 -5.94 -1.26 -12.68
CA SER A 343 -6.34 -0.03 -13.37
C SER A 343 -7.72 0.44 -12.90
N GLY A 344 -7.91 1.74 -12.84
CA GLY A 344 -9.17 2.35 -12.42
C GLY A 344 -9.59 3.59 -13.18
N GLY A 345 -8.99 3.82 -14.35
CA GLY A 345 -9.27 4.98 -15.17
C GLY A 345 -10.45 4.80 -16.11
N VAL A 346 -11.52 5.57 -15.88
CA VAL A 346 -12.74 5.57 -16.69
C VAL A 346 -12.85 6.89 -17.48
N CYS A 347 -12.96 6.78 -18.81
CA CYS A 347 -13.06 7.92 -19.74
C CYS A 347 -14.37 8.68 -19.55
N LEU A 348 -14.32 10.03 -19.65
CA LEU A 348 -15.49 10.90 -19.50
C LEU A 348 -15.98 11.43 -20.84
N ASN A 349 -17.33 11.43 -21.03
CA ASN A 349 -18.05 11.90 -22.22
C ASN A 349 -17.47 11.33 -23.53
N CYS A 350 -17.69 10.03 -23.75
CA CYS A 350 -17.20 9.31 -24.92
C CYS A 350 -17.84 9.81 -26.21
N ARG A 351 -17.01 10.25 -27.17
CA ARG A 351 -17.47 10.76 -28.48
C ARG A 351 -17.54 9.66 -29.53
N HIS A 352 -18.09 10.01 -30.72
CA HIS A 352 -18.24 9.15 -31.92
C HIS A 352 -19.14 7.92 -31.65
N ASN A 353 -20.21 8.12 -30.84
CA ASN A 353 -21.23 7.12 -30.48
C ASN A 353 -20.63 5.82 -29.90
N THR A 354 -19.71 5.98 -28.92
CA THR A 354 -19.03 4.88 -28.24
C THR A 354 -19.40 4.86 -26.75
N ALA A 355 -19.18 3.71 -26.08
CA ALA A 355 -19.45 3.53 -24.65
C ALA A 355 -18.38 2.66 -23.97
N GLY A 356 -18.44 2.57 -22.63
CA GLY A 356 -17.51 1.79 -21.84
C GLY A 356 -16.48 2.60 -21.08
N ARG A 357 -15.74 1.93 -20.18
CA ARG A 357 -14.71 2.56 -19.37
C ARG A 357 -13.50 3.03 -20.19
N HIS A 358 -12.95 2.14 -21.04
CA HIS A 358 -11.82 2.46 -21.89
C HIS A 358 -12.23 2.92 -23.29
N CYS A 359 -13.56 3.18 -23.48
CA CYS A 359 -14.18 3.69 -24.71
C CYS A 359 -13.91 2.78 -25.94
N HIS A 360 -13.88 1.46 -25.69
CA HIS A 360 -13.54 0.39 -26.63
C HIS A 360 -14.68 -0.17 -27.50
N TYR A 361 -15.96 0.04 -27.11
CA TYR A 361 -17.07 -0.50 -27.90
C TYR A 361 -18.12 0.56 -28.27
N CYS A 362 -18.94 0.25 -29.31
CA CYS A 362 -20.02 1.11 -29.80
C CYS A 362 -21.21 1.05 -28.86
N LYS A 363 -21.86 2.22 -28.62
CA LYS A 363 -23.03 2.32 -27.72
C LYS A 363 -24.26 1.60 -28.29
N GLU A 364 -25.25 1.30 -27.43
CA GLU A 364 -26.49 0.63 -27.82
C GLU A 364 -27.19 1.36 -28.95
N GLY A 365 -27.47 0.62 -30.03
CA GLY A 365 -28.08 1.15 -31.24
C GLY A 365 -27.07 1.50 -32.32
N TYR A 366 -25.81 1.03 -32.15
CA TYR A 366 -24.69 1.25 -33.07
C TYR A 366 -23.83 -0.02 -33.17
N TYR A 367 -23.13 -0.19 -34.31
CA TYR A 367 -22.26 -1.34 -34.58
C TYR A 367 -20.92 -0.92 -35.19
N ARG A 368 -19.86 -1.71 -34.97
CA ARG A 368 -18.51 -1.42 -35.45
C ARG A 368 -18.28 -1.75 -36.94
N ASP A 369 -17.63 -0.82 -37.66
CA ASP A 369 -17.25 -0.95 -39.07
C ASP A 369 -15.88 -1.63 -39.12
N MET A 370 -15.83 -2.85 -39.69
CA MET A 370 -14.62 -3.67 -39.75
C MET A 370 -13.53 -3.14 -40.71
N GLY A 371 -13.93 -2.34 -41.70
CA GLY A 371 -13.03 -1.75 -42.69
C GLY A 371 -12.05 -0.73 -42.13
N LYS A 372 -12.41 -0.08 -41.01
CA LYS A 372 -11.59 0.95 -40.35
C LYS A 372 -11.29 0.58 -38.88
N PRO A 373 -10.09 0.94 -38.34
CA PRO A 373 -9.79 0.58 -36.93
C PRO A 373 -10.61 1.33 -35.88
N ILE A 374 -10.52 0.89 -34.61
CA ILE A 374 -11.25 1.45 -33.48
C ILE A 374 -10.87 2.92 -33.18
N THR A 375 -9.61 3.31 -33.47
CA THR A 375 -9.08 4.66 -33.26
C THR A 375 -9.70 5.71 -34.22
N HIS A 376 -10.24 5.26 -35.37
CA HIS A 376 -10.86 6.12 -36.39
C HIS A 376 -12.15 6.79 -35.90
N ARG A 377 -12.50 7.94 -36.50
CA ARG A 377 -13.68 8.74 -36.19
C ARG A 377 -14.96 7.97 -36.54
N LYS A 378 -15.01 7.41 -37.76
CA LYS A 378 -16.13 6.62 -38.26
C LYS A 378 -15.92 5.12 -37.95
N ALA A 379 -15.70 4.81 -36.66
CA ALA A 379 -15.48 3.45 -36.17
C ALA A 379 -16.80 2.74 -35.89
N CYS A 380 -17.84 3.51 -35.57
CA CYS A 380 -19.18 2.98 -35.27
C CYS A 380 -20.24 3.52 -36.24
N LYS A 381 -20.84 2.61 -37.03
CA LYS A 381 -21.90 2.92 -37.98
C LYS A 381 -23.25 2.87 -37.24
N ALA A 382 -24.24 3.62 -37.71
CA ALA A 382 -25.58 3.66 -37.13
C ALA A 382 -26.36 2.39 -37.40
N CYS A 383 -26.97 1.82 -36.35
CA CYS A 383 -27.77 0.61 -36.49
C CYS A 383 -29.25 1.00 -36.61
N ASP A 384 -29.72 1.11 -37.86
CA ASP A 384 -31.06 1.56 -38.23
C ASP A 384 -32.12 0.47 -38.14
N CYS A 385 -32.35 -0.05 -36.92
CA CYS A 385 -33.34 -1.10 -36.67
C CYS A 385 -34.76 -0.57 -36.83
N HIS A 386 -35.56 -1.23 -37.70
CA HIS A 386 -36.94 -0.89 -38.01
C HIS A 386 -37.81 -0.85 -36.75
N PRO A 387 -38.65 0.20 -36.57
CA PRO A 387 -39.46 0.28 -35.34
C PRO A 387 -40.55 -0.78 -35.19
N VAL A 388 -41.07 -1.31 -36.31
CA VAL A 388 -42.12 -2.34 -36.27
C VAL A 388 -41.55 -3.74 -36.58
N GLY A 389 -40.45 -3.79 -37.31
CA GLY A 389 -39.79 -5.03 -37.70
C GLY A 389 -38.96 -5.64 -36.59
N ALA A 390 -37.92 -4.91 -36.14
CA ALA A 390 -37.01 -5.34 -35.08
C ALA A 390 -37.67 -5.33 -33.70
N ALA A 391 -37.19 -6.22 -32.81
CA ALA A 391 -37.67 -6.34 -31.43
C ALA A 391 -37.04 -5.27 -30.53
N GLY A 392 -35.71 -5.13 -30.64
CA GLY A 392 -34.94 -4.14 -29.89
C GLY A 392 -34.16 -3.19 -30.78
N LYS A 393 -33.52 -2.19 -30.17
CA LYS A 393 -32.72 -1.18 -30.87
C LYS A 393 -31.25 -1.61 -30.95
N THR A 394 -30.74 -2.24 -29.86
CA THR A 394 -29.37 -2.75 -29.76
C THR A 394 -29.19 -3.98 -30.67
N CYS A 395 -28.17 -3.94 -31.54
CA CYS A 395 -27.89 -4.98 -32.54
C CYS A 395 -26.55 -5.70 -32.34
N ASN A 396 -26.20 -6.56 -33.32
CA ASN A 396 -24.94 -7.32 -33.37
C ASN A 396 -23.82 -6.36 -33.77
N GLN A 397 -22.78 -6.25 -32.93
CA GLN A 397 -21.65 -5.34 -33.12
C GLN A 397 -20.67 -5.70 -34.24
N THR A 398 -20.43 -7.00 -34.50
CA THR A 398 -19.47 -7.42 -35.52
C THR A 398 -20.08 -7.54 -36.94
N THR A 399 -21.35 -7.97 -37.06
CA THR A 399 -22.00 -8.17 -38.36
C THR A 399 -22.98 -7.05 -38.75
N GLY A 400 -23.67 -6.49 -37.76
CA GLY A 400 -24.66 -5.44 -37.97
C GLY A 400 -26.02 -6.01 -38.29
N GLN A 401 -26.53 -6.88 -37.39
CA GLN A 401 -27.82 -7.54 -37.55
C GLN A 401 -28.75 -7.19 -36.39
N CYS A 402 -29.90 -6.56 -36.70
CA CYS A 402 -30.92 -6.17 -35.73
C CYS A 402 -31.68 -7.40 -35.21
N PRO A 403 -32.13 -7.42 -33.93
CA PRO A 403 -32.87 -8.58 -33.43
C PRO A 403 -34.28 -8.67 -34.04
N CYS A 404 -34.39 -9.43 -35.14
CA CYS A 404 -35.65 -9.60 -35.88
C CYS A 404 -36.68 -10.45 -35.14
N LYS A 405 -37.96 -10.12 -35.35
CA LYS A 405 -39.11 -10.82 -34.78
C LYS A 405 -39.86 -11.52 -35.91
N ASP A 406 -40.37 -12.75 -35.65
CA ASP A 406 -41.10 -13.60 -36.61
C ASP A 406 -40.23 -14.07 -37.80
N GLY A 407 -38.94 -14.25 -37.54
CA GLY A 407 -37.95 -14.70 -38.51
C GLY A 407 -37.77 -13.83 -39.75
N VAL A 408 -37.68 -12.49 -39.56
CA VAL A 408 -37.50 -11.51 -40.64
C VAL A 408 -36.08 -11.62 -41.22
N THR A 409 -35.97 -11.74 -42.57
CA THR A 409 -34.72 -11.89 -43.30
C THR A 409 -33.90 -10.59 -43.46
N GLY A 410 -34.55 -9.44 -43.26
CA GLY A 410 -33.92 -8.12 -43.39
C GLY A 410 -32.73 -7.91 -42.48
N ILE A 411 -31.72 -7.18 -42.97
CA ILE A 411 -30.48 -6.82 -42.25
C ILE A 411 -30.80 -5.88 -41.09
N THR A 412 -31.76 -4.96 -41.32
CA THR A 412 -32.25 -3.98 -40.36
C THR A 412 -33.71 -4.30 -39.97
N CYS A 413 -34.13 -5.56 -40.24
CA CYS A 413 -35.46 -6.13 -40.02
C CYS A 413 -36.56 -5.36 -40.79
N ASN A 414 -36.32 -5.13 -42.09
CA ASN A 414 -37.22 -4.37 -42.96
C ASN A 414 -38.10 -5.21 -43.90
N ARG A 415 -37.69 -6.44 -44.27
CA ARG A 415 -38.50 -7.26 -45.20
C ARG A 415 -38.96 -8.59 -44.58
N CYS A 416 -40.23 -8.97 -44.83
CA CYS A 416 -40.80 -10.24 -44.35
C CYS A 416 -40.11 -11.43 -45.02
N ALA A 417 -40.08 -12.58 -44.32
CA ALA A 417 -39.47 -13.82 -44.82
C ALA A 417 -40.32 -14.45 -45.95
N LYS A 418 -39.79 -15.55 -46.56
CA LYS A 418 -40.46 -16.28 -47.64
C LYS A 418 -41.78 -16.86 -47.12
N GLY A 419 -42.84 -16.67 -47.92
CA GLY A 419 -44.19 -17.14 -47.60
C GLY A 419 -44.95 -16.27 -46.62
N TYR A 420 -44.23 -15.39 -45.89
CA TYR A 420 -44.79 -14.47 -44.90
C TYR A 420 -45.31 -13.19 -45.55
N GLN A 421 -46.50 -12.74 -45.11
CA GLN A 421 -47.16 -11.52 -45.57
C GLN A 421 -47.22 -10.51 -44.41
N GLN A 422 -47.14 -9.21 -44.73
CA GLN A 422 -47.17 -8.12 -43.74
C GLN A 422 -48.53 -8.02 -43.02
N SER A 423 -48.49 -7.95 -41.68
CA SER A 423 -49.67 -7.90 -40.82
C SER A 423 -49.92 -6.56 -40.12
N ARG A 424 -51.17 -6.35 -39.67
CA ARG A 424 -51.64 -5.16 -38.96
C ARG A 424 -51.22 -5.13 -37.49
N SER A 425 -50.98 -6.32 -36.89
CA SER A 425 -50.59 -6.46 -35.48
C SER A 425 -49.16 -5.97 -35.18
N PRO A 426 -48.95 -5.21 -34.08
CA PRO A 426 -47.58 -4.75 -33.76
C PRO A 426 -46.70 -5.84 -33.14
N ILE A 427 -47.32 -6.92 -32.61
CA ILE A 427 -46.64 -8.06 -32.00
C ILE A 427 -46.14 -9.01 -33.12
N ALA A 428 -47.01 -9.31 -34.10
CA ALA A 428 -46.67 -10.16 -35.22
C ALA A 428 -46.63 -9.36 -36.54
N PRO A 429 -45.44 -8.87 -36.97
CA PRO A 429 -45.38 -8.09 -38.22
C PRO A 429 -45.52 -8.90 -39.50
N CYS A 430 -45.11 -10.19 -39.47
CA CYS A 430 -45.20 -11.11 -40.61
C CYS A 430 -45.98 -12.38 -40.25
N ILE A 431 -46.95 -12.77 -41.09
CA ILE A 431 -47.77 -13.96 -40.91
C ILE A 431 -47.64 -14.90 -42.12
N LYS A 432 -47.36 -16.19 -41.86
CA LYS A 432 -47.19 -17.24 -42.86
C LYS A 432 -48.56 -17.68 -43.40
N THR B 2 50.17 29.93 -11.56
CA THR B 2 49.66 30.73 -12.67
C THR B 2 48.70 31.83 -12.18
N GLY B 3 47.53 31.43 -11.70
CA GLY B 3 46.50 32.37 -11.24
C GLY B 3 46.05 32.15 -9.81
N GLU B 4 46.56 33.00 -8.89
CA GLU B 4 46.23 32.98 -7.47
C GLU B 4 45.53 34.28 -7.04
N THR B 5 45.05 35.07 -8.02
CA THR B 5 44.33 36.33 -7.81
C THR B 5 42.90 36.08 -7.29
N ARG B 6 42.33 34.89 -7.61
CA ARG B 6 40.98 34.49 -7.21
C ARG B 6 40.95 33.09 -6.59
N VAL B 7 39.83 32.77 -5.90
CA VAL B 7 39.55 31.49 -5.23
C VAL B 7 39.12 30.47 -6.32
N PRO B 8 39.57 29.17 -6.27
CA PRO B 8 39.19 28.23 -7.33
C PRO B 8 37.70 28.05 -7.56
N GLU B 9 37.33 27.76 -8.82
CA GLU B 9 35.95 27.56 -9.26
C GLU B 9 35.38 26.23 -8.75
N VAL B 10 34.04 26.12 -8.75
CA VAL B 10 33.29 24.94 -8.33
C VAL B 10 33.65 23.71 -9.24
N PRO B 11 33.97 22.52 -8.68
CA PRO B 11 34.30 21.36 -9.55
C PRO B 11 33.14 20.96 -10.48
N SER B 12 33.47 20.40 -11.66
CA SER B 12 32.49 20.02 -12.67
C SER B 12 31.58 18.84 -12.28
N SER B 13 32.15 17.70 -11.81
CA SER B 13 31.34 16.53 -11.41
C SER B 13 31.83 15.85 -10.13
N LEU B 14 30.93 15.08 -9.49
CA LEU B 14 31.17 14.31 -8.27
C LEU B 14 30.30 13.04 -8.29
N HIS B 15 30.94 11.87 -8.10
CA HIS B 15 30.25 10.58 -8.11
C HIS B 15 30.71 9.66 -6.98
N VAL B 16 29.76 9.18 -6.17
CA VAL B 16 30.01 8.28 -5.05
C VAL B 16 29.58 6.84 -5.37
N ARG B 17 30.14 5.86 -4.65
CA ARG B 17 29.82 4.44 -4.80
C ARG B 17 29.91 3.81 -3.40
N PRO B 18 28.75 3.59 -2.71
CA PRO B 18 28.81 3.04 -1.35
C PRO B 18 28.98 1.54 -1.28
N LEU B 19 29.83 1.09 -0.36
CA LEU B 19 30.11 -0.32 -0.08
C LEU B 19 29.76 -0.62 1.38
N VAL B 20 30.13 -1.82 1.87
CA VAL B 20 29.84 -2.27 3.23
C VAL B 20 30.47 -1.35 4.30
N THR B 21 31.78 -1.02 4.18
CA THR B 21 32.52 -0.20 5.13
C THR B 21 33.33 0.92 4.45
N SER B 22 33.11 1.15 3.14
CA SER B 22 33.83 2.16 2.35
C SER B 22 32.96 2.88 1.32
N ILE B 23 33.41 4.06 0.82
CA ILE B 23 32.70 4.84 -0.22
C ILE B 23 33.70 5.31 -1.30
N VAL B 24 33.52 4.81 -2.54
CA VAL B 24 34.39 5.16 -3.67
C VAL B 24 33.94 6.51 -4.24
N VAL B 25 34.77 7.54 -4.04
CA VAL B 25 34.49 8.90 -4.52
C VAL B 25 35.29 9.18 -5.79
N SER B 26 34.63 9.72 -6.82
CA SER B 26 35.22 10.07 -8.11
C SER B 26 34.83 11.51 -8.47
N TRP B 27 35.74 12.25 -9.10
CA TRP B 27 35.50 13.65 -9.47
C TRP B 27 36.25 14.09 -10.73
N THR B 28 35.97 15.33 -11.18
CA THR B 28 36.57 15.98 -12.35
C THR B 28 36.89 17.45 -12.01
N PRO B 29 38.10 17.97 -12.36
CA PRO B 29 38.44 19.37 -12.04
C PRO B 29 37.50 20.42 -12.65
N PRO B 30 37.46 21.69 -12.13
CA PRO B 30 36.57 22.70 -12.75
C PRO B 30 36.94 23.04 -14.21
N GLU B 31 35.95 23.52 -14.98
CA GLU B 31 36.10 23.88 -16.40
C GLU B 31 37.12 24.99 -16.65
N ASN B 32 37.23 25.97 -15.71
CA ASN B 32 38.17 27.09 -15.82
C ASN B 32 39.58 26.67 -15.43
N GLN B 33 40.57 26.98 -16.28
CA GLN B 33 41.98 26.65 -16.06
C GLN B 33 42.83 27.85 -15.68
N ASN B 34 42.29 29.08 -15.84
CA ASN B 34 42.99 30.34 -15.53
C ASN B 34 43.39 30.43 -14.06
N ILE B 35 42.54 29.91 -13.15
CA ILE B 35 42.79 29.87 -11.71
C ILE B 35 43.42 28.50 -11.39
N VAL B 36 44.67 28.52 -10.88
CA VAL B 36 45.45 27.33 -10.54
C VAL B 36 44.84 26.59 -9.32
N VAL B 37 44.86 25.24 -9.37
CA VAL B 37 44.34 24.40 -8.30
C VAL B 37 45.45 23.48 -7.75
N ARG B 38 45.69 23.55 -6.43
CA ARG B 38 46.73 22.76 -5.77
C ARG B 38 46.27 21.35 -5.38
N GLY B 39 44.97 21.20 -5.09
CA GLY B 39 44.40 19.91 -4.71
C GLY B 39 42.92 19.89 -4.45
N TYR B 40 42.45 18.74 -3.91
CA TYR B 40 41.05 18.49 -3.57
C TYR B 40 40.89 18.13 -2.11
N ALA B 41 39.80 18.60 -1.49
CA ALA B 41 39.49 18.34 -0.09
C ALA B 41 38.16 17.59 0.07
N ILE B 42 38.24 16.30 0.43
CA ILE B 42 37.09 15.43 0.64
C ILE B 42 36.61 15.60 2.09
N GLY B 43 35.33 15.96 2.26
CA GLY B 43 34.73 16.16 3.57
C GLY B 43 33.54 15.23 3.76
N TYR B 44 33.68 14.21 4.61
CA TYR B 44 32.63 13.22 4.83
C TYR B 44 32.09 13.16 6.27
N GLY B 45 31.04 12.36 6.48
CA GLY B 45 30.40 12.17 7.78
C GLY B 45 28.90 11.88 7.71
N ILE B 46 28.36 11.23 8.78
CA ILE B 46 26.95 10.87 8.89
C ILE B 46 26.11 12.13 9.14
N GLY B 47 25.12 12.36 8.27
CA GLY B 47 24.21 13.50 8.38
C GLY B 47 24.78 14.80 7.84
N SER B 48 25.98 15.16 8.31
CA SER B 48 26.67 16.37 7.88
C SER B 48 28.05 16.02 7.34
N PRO B 49 28.62 16.79 6.37
CA PRO B 49 29.96 16.44 5.87
C PRO B 49 31.12 16.93 6.74
N HIS B 50 30.81 17.65 7.84
CA HIS B 50 31.76 18.27 8.75
C HIS B 50 32.59 17.32 9.64
N ALA B 51 32.21 16.02 9.74
CA ALA B 51 32.88 15.04 10.62
C ALA B 51 34.39 14.88 10.39
N GLN B 52 34.82 14.58 9.14
CA GLN B 52 36.24 14.41 8.81
C GLN B 52 36.62 14.99 7.45
N THR B 53 37.90 15.42 7.30
CA THR B 53 38.43 16.05 6.09
C THR B 53 39.75 15.41 5.61
N ILE B 54 39.78 14.96 4.35
CA ILE B 54 40.95 14.36 3.70
C ILE B 54 41.38 15.25 2.52
N LYS B 55 42.59 15.81 2.59
CA LYS B 55 43.16 16.66 1.54
C LYS B 55 44.13 15.86 0.67
N VAL B 56 43.92 15.92 -0.66
CA VAL B 56 44.72 15.21 -1.68
C VAL B 56 45.31 16.17 -2.72
N ASP B 57 46.31 15.70 -3.50
CA ASP B 57 46.96 16.48 -4.56
C ASP B 57 46.03 16.71 -5.77
N TYR B 58 46.36 17.71 -6.61
CA TYR B 58 45.60 18.08 -7.81
C TYR B 58 45.53 16.98 -8.88
N LYS B 59 46.54 16.09 -8.93
CA LYS B 59 46.63 14.99 -9.90
C LYS B 59 45.56 13.91 -9.66
N GLN B 60 45.18 13.68 -8.39
CA GLN B 60 44.19 12.67 -7.96
C GLN B 60 42.80 12.96 -8.53
N ARG B 61 42.12 11.91 -9.04
CA ARG B 61 40.78 12.00 -9.63
C ARG B 61 39.75 11.11 -8.93
N TYR B 62 40.22 10.11 -8.15
CA TYR B 62 39.37 9.18 -7.40
C TYR B 62 39.98 8.81 -6.04
N TYR B 63 39.12 8.58 -5.02
CA TYR B 63 39.53 8.25 -3.66
C TYR B 63 38.46 7.44 -2.92
N THR B 64 38.85 6.31 -2.31
CA THR B 64 37.94 5.44 -1.56
C THR B 64 38.02 5.75 -0.05
N ILE B 65 36.94 6.31 0.52
CA ILE B 65 36.87 6.65 1.96
C ILE B 65 36.69 5.34 2.74
N GLU B 66 37.69 4.97 3.55
CA GLU B 66 37.71 3.73 4.33
C GLU B 66 37.18 3.89 5.77
N ASN B 67 37.07 2.75 6.50
CA ASN B 67 36.63 2.64 7.90
C ASN B 67 35.33 3.41 8.20
N LEU B 68 34.20 2.89 7.68
CA LEU B 68 32.89 3.52 7.87
C LEU B 68 31.90 2.57 8.52
N ASP B 69 30.78 3.11 9.02
CA ASP B 69 29.73 2.33 9.67
C ASP B 69 28.86 1.57 8.65
N PRO B 70 28.31 0.37 9.00
CA PRO B 70 27.60 -0.44 8.00
C PRO B 70 26.37 0.14 7.30
N SER B 71 25.33 0.58 8.02
CA SER B 71 24.11 1.05 7.34
C SER B 71 23.88 2.57 7.46
N SER B 72 24.94 3.33 7.77
CA SER B 72 24.91 4.77 7.95
C SER B 72 24.79 5.57 6.65
N HIS B 73 24.20 6.78 6.75
CA HIS B 73 23.98 7.71 5.63
C HIS B 73 25.00 8.86 5.71
N TYR B 74 26.02 8.78 4.85
CA TYR B 74 27.10 9.75 4.79
C TYR B 74 26.84 10.83 3.76
N VAL B 75 27.34 12.04 4.04
CA VAL B 75 27.26 13.20 3.15
C VAL B 75 28.71 13.56 2.79
N ILE B 76 29.09 13.39 1.52
CA ILE B 76 30.45 13.67 1.02
C ILE B 76 30.47 15.02 0.29
N THR B 77 31.50 15.84 0.59
CA THR B 77 31.70 17.18 0.05
C THR B 77 33.07 17.32 -0.61
N LEU B 78 33.10 17.84 -1.85
CA LEU B 78 34.35 18.04 -2.59
C LEU B 78 34.62 19.51 -2.87
N LYS B 79 35.81 19.97 -2.44
CA LYS B 79 36.28 21.35 -2.58
C LYS B 79 37.60 21.36 -3.35
N ALA B 80 37.79 22.40 -4.19
CA ALA B 80 39.03 22.58 -4.94
C ALA B 80 39.82 23.68 -4.21
N PHE B 81 41.05 23.37 -3.76
CA PHE B 81 41.84 24.34 -3.00
C PHE B 81 43.22 24.65 -3.59
N ASN B 82 43.67 25.90 -3.37
CA ASN B 82 44.97 26.43 -3.78
C ASN B 82 45.64 27.17 -2.60
N ASN B 83 46.59 28.09 -2.88
CA ASN B 83 47.28 28.86 -1.85
C ASN B 83 46.44 30.00 -1.26
N VAL B 84 45.50 30.56 -2.04
CA VAL B 84 44.64 31.66 -1.57
C VAL B 84 43.49 31.13 -0.68
N GLY B 85 43.07 29.89 -0.89
CA GLY B 85 42.01 29.26 -0.11
C GLY B 85 41.21 28.15 -0.78
N GLU B 86 40.09 27.76 -0.14
CA GLU B 86 39.18 26.70 -0.59
C GLU B 86 38.02 27.24 -1.43
N GLY B 87 37.74 26.56 -2.54
CA GLY B 87 36.68 26.91 -3.48
C GLY B 87 35.27 26.53 -3.08
N ILE B 88 34.32 26.70 -4.01
CA ILE B 88 32.89 26.40 -3.82
C ILE B 88 32.69 24.87 -3.76
N PRO B 89 32.01 24.34 -2.72
CA PRO B 89 31.86 22.87 -2.62
C PRO B 89 30.81 22.24 -3.53
N LEU B 90 30.97 20.92 -3.74
CA LEU B 90 30.07 20.06 -4.52
C LEU B 90 29.67 18.92 -3.59
N TYR B 91 28.36 18.78 -3.30
CA TYR B 91 27.83 17.81 -2.34
C TYR B 91 27.18 16.60 -3.00
N GLU B 92 27.20 15.45 -2.29
CA GLU B 92 26.59 14.18 -2.66
C GLU B 92 26.43 13.32 -1.41
N SER B 93 25.32 12.55 -1.32
CA SER B 93 25.07 11.68 -0.17
C SER B 93 24.93 10.21 -0.57
N ALA B 94 25.32 9.29 0.32
CA ALA B 94 25.26 7.85 0.10
C ALA B 94 25.00 7.07 1.39
N VAL B 95 24.27 5.95 1.27
CA VAL B 95 23.95 5.06 2.38
C VAL B 95 24.78 3.79 2.18
N THR B 96 25.69 3.51 3.13
CA THR B 96 26.59 2.35 3.11
C THR B 96 25.80 1.04 3.20
N ARG B 97 26.29 -0.02 2.52
CA ARG B 97 25.64 -1.33 2.50
C ARG B 97 25.81 -2.11 3.82
N PRO B 98 24.73 -2.74 4.36
CA PRO B 98 24.87 -3.46 5.64
C PRO B 98 25.90 -4.58 5.67
N HIS B 99 26.42 -4.88 6.87
CA HIS B 99 27.42 -5.92 7.10
C HIS B 99 26.79 -7.31 7.04
N THR B 100 27.10 -8.04 5.96
CA THR B 100 26.61 -9.38 5.72
C THR B 100 27.43 -10.43 6.47
N VAL B 101 26.76 -11.31 7.20
CA VAL B 101 27.40 -12.38 7.95
C VAL B 101 27.26 -13.72 7.17
N PRO B 102 28.38 -14.43 6.87
CA PRO B 102 28.26 -15.69 6.10
C PRO B 102 27.47 -16.76 6.86
N ASP B 103 26.43 -17.29 6.20
CA ASP B 103 25.53 -18.30 6.74
C ASP B 103 26.21 -19.66 6.95
N PRO B 104 25.88 -20.41 8.02
CA PRO B 104 26.52 -21.72 8.24
C PRO B 104 25.98 -22.82 7.35
N THR B 105 26.80 -23.87 7.12
CA THR B 105 26.44 -25.04 6.32
C THR B 105 25.32 -25.79 7.03
N PRO B 106 24.11 -25.88 6.43
CA PRO B 106 22.99 -26.53 7.15
C PRO B 106 23.15 -28.01 7.44
N MET B 107 22.39 -28.49 8.45
CA MET B 107 22.37 -29.88 8.92
C MET B 107 21.44 -30.73 8.04
N MET B 108 21.43 -32.06 8.28
CA MET B 108 20.57 -32.99 7.57
C MET B 108 19.19 -32.95 8.26
N PRO B 109 18.08 -32.78 7.50
CA PRO B 109 16.76 -32.71 8.16
C PRO B 109 16.27 -34.07 8.68
N PRO B 110 15.31 -34.13 9.63
CA PRO B 110 14.82 -35.44 10.10
C PRO B 110 14.13 -36.25 9.00
N VAL B 111 14.24 -37.58 9.09
CA VAL B 111 13.65 -38.53 8.14
C VAL B 111 12.59 -39.41 8.81
N GLY B 112 11.80 -40.13 8.01
CA GLY B 112 10.74 -41.01 8.47
C GLY B 112 9.66 -40.34 9.29
N VAL B 113 9.19 -39.16 8.82
CA VAL B 113 8.15 -38.38 9.48
C VAL B 113 6.77 -38.99 9.18
N GLN B 114 6.13 -39.55 10.23
CA GLN B 114 4.83 -40.21 10.11
C GLN B 114 3.79 -39.64 11.08
N ALA B 115 2.60 -39.31 10.54
CA ALA B 115 1.48 -38.78 11.30
C ALA B 115 0.54 -39.92 11.73
N SER B 116 0.32 -40.05 13.05
CA SER B 116 -0.53 -41.08 13.63
C SER B 116 -1.71 -40.42 14.34
N ILE B 117 -2.90 -40.48 13.72
CA ILE B 117 -4.14 -39.87 14.25
C ILE B 117 -4.68 -40.69 15.42
N LEU B 118 -4.83 -40.04 16.58
CA LEU B 118 -5.31 -40.67 17.80
C LEU B 118 -6.78 -40.32 18.05
N SER B 119 -7.10 -39.02 18.02
CA SER B 119 -8.47 -38.53 18.22
C SER B 119 -8.79 -37.33 17.31
N HIS B 120 -9.97 -36.71 17.52
CA HIS B 120 -10.48 -35.56 16.77
C HIS B 120 -9.64 -34.28 16.96
N ASP B 121 -8.89 -34.19 18.07
CA ASP B 121 -8.06 -33.04 18.42
C ASP B 121 -6.58 -33.40 18.70
N THR B 122 -6.22 -34.69 18.61
CA THR B 122 -4.85 -35.15 18.89
C THR B 122 -4.28 -36.06 17.80
N ILE B 123 -3.06 -35.72 17.34
CA ILE B 123 -2.25 -36.47 16.37
C ILE B 123 -0.80 -36.49 16.90
N ARG B 124 -0.20 -37.69 16.97
CA ARG B 124 1.19 -37.83 17.40
C ARG B 124 2.12 -37.94 16.18
N ILE B 125 3.23 -37.18 16.22
CA ILE B 125 4.20 -37.13 15.13
C ILE B 125 5.49 -37.82 15.54
N THR B 126 5.96 -38.75 14.69
CA THR B 126 7.17 -39.54 14.91
C THR B 126 8.18 -39.30 13.79
N TRP B 127 9.42 -38.93 14.16
CA TRP B 127 10.52 -38.71 13.23
C TRP B 127 11.81 -39.36 13.72
N ALA B 128 12.72 -39.63 12.78
CA ALA B 128 14.02 -40.25 13.02
C ALA B 128 15.15 -39.28 12.62
N ASP B 129 16.39 -39.59 13.02
CA ASP B 129 17.57 -38.79 12.69
C ASP B 129 18.77 -39.69 12.35
N ASN B 130 19.24 -39.60 11.09
CA ASN B 130 20.37 -40.39 10.59
C ASN B 130 21.71 -39.92 11.16
N SER B 131 21.79 -38.66 11.62
CA SER B 131 22.97 -38.03 12.21
C SER B 131 23.33 -38.65 13.57
N LEU B 132 22.31 -39.11 14.32
CA LEU B 132 22.42 -39.72 15.65
C LEU B 132 23.11 -41.10 15.57
N PRO B 133 24.27 -41.30 16.27
CA PRO B 133 24.93 -42.61 16.21
C PRO B 133 24.43 -43.59 17.28
N THR B 139 24.11 -36.53 24.45
CA THR B 139 25.36 -35.76 24.51
C THR B 139 25.16 -34.33 24.00
N ASP B 140 24.73 -34.18 22.73
CA ASP B 140 24.47 -32.88 22.08
C ASP B 140 23.33 -32.13 22.78
N SER B 141 23.25 -30.80 22.56
CA SER B 141 22.18 -29.97 23.11
C SER B 141 21.22 -29.51 22.00
N ARG B 142 21.05 -30.36 20.97
CA ARG B 142 20.17 -30.11 19.83
C ARG B 142 18.72 -30.44 20.16
N TYR B 143 17.80 -29.53 19.80
CA TYR B 143 16.38 -29.68 20.02
C TYR B 143 15.64 -29.65 18.68
N TYR B 144 14.56 -30.43 18.58
CA TYR B 144 13.73 -30.49 17.38
C TYR B 144 12.53 -29.54 17.50
N THR B 145 12.08 -29.01 16.36
CA THR B 145 10.94 -28.09 16.31
C THR B 145 9.87 -28.67 15.36
N VAL B 146 8.60 -28.65 15.81
CA VAL B 146 7.45 -29.17 15.05
C VAL B 146 6.55 -28.01 14.60
N ARG B 147 5.98 -28.10 13.38
CA ARG B 147 5.04 -27.08 12.87
C ARG B 147 3.82 -27.71 12.20
N TRP B 148 2.65 -27.07 12.35
CA TRP B 148 1.39 -27.53 11.77
C TRP B 148 0.43 -26.40 11.42
N LYS B 149 -0.33 -26.56 10.31
CA LYS B 149 -1.29 -25.56 9.84
C LYS B 149 -2.42 -26.19 9.02
N THR B 150 -3.63 -25.65 9.19
CA THR B 150 -4.83 -25.99 8.43
C THR B 150 -5.12 -24.82 7.49
N ASN B 151 -5.74 -25.09 6.34
CA ASN B 151 -6.03 -24.06 5.36
C ASN B 151 -7.21 -23.15 5.75
N ILE B 152 -8.04 -23.56 6.73
CA ILE B 152 -9.17 -22.74 7.19
C ILE B 152 -8.99 -22.36 8.69
N PRO B 153 -9.00 -21.06 9.06
CA PRO B 153 -9.21 -19.86 8.21
C PRO B 153 -8.05 -19.54 7.28
N ALA B 154 -8.27 -18.60 6.35
CA ALA B 154 -7.30 -18.17 5.35
C ALA B 154 -6.17 -17.32 5.92
N ASN B 155 -5.00 -17.39 5.26
CA ASN B 155 -3.76 -16.65 5.57
C ASN B 155 -3.28 -16.83 7.03
N THR B 156 -3.52 -18.02 7.61
CA THR B 156 -3.07 -18.35 8.97
C THR B 156 -1.61 -18.81 8.92
N LYS B 157 -0.92 -18.78 10.07
CA LYS B 157 0.48 -19.18 10.16
C LYS B 157 0.67 -20.53 10.87
N TYR B 158 1.83 -21.17 10.65
CA TYR B 158 2.18 -22.46 11.24
C TYR B 158 2.38 -22.34 12.75
N LYS B 159 1.78 -23.27 13.52
CA LYS B 159 1.92 -23.29 14.97
C LYS B 159 3.19 -24.05 15.30
N ASN B 160 4.11 -23.41 16.05
CA ASN B 160 5.40 -24.02 16.42
C ASN B 160 5.39 -24.59 17.83
N ALA B 161 6.16 -25.67 18.03
CA ALA B 161 6.33 -26.36 19.32
C ALA B 161 7.67 -27.08 19.38
N ASN B 162 8.43 -26.89 20.47
CA ASN B 162 9.75 -27.50 20.68
C ASN B 162 9.68 -28.87 21.35
N ALA B 163 10.52 -29.81 20.87
CA ALA B 163 10.59 -31.18 21.36
C ALA B 163 12.04 -31.68 21.42
N THR B 164 12.44 -32.26 22.57
CA THR B 164 13.80 -32.80 22.79
C THR B 164 13.89 -34.30 22.45
N THR B 165 12.73 -34.99 22.41
CA THR B 165 12.62 -36.41 22.07
C THR B 165 12.26 -36.58 20.58
N LEU B 166 12.32 -37.82 20.06
CA LEU B 166 12.03 -38.14 18.65
C LEU B 166 10.53 -38.19 18.29
N SER B 167 9.64 -37.72 19.18
CA SER B 167 8.18 -37.71 18.95
C SER B 167 7.47 -36.55 19.65
N TYR B 168 6.33 -36.09 19.08
CA TYR B 168 5.54 -35.01 19.67
C TYR B 168 4.03 -35.19 19.49
N LEU B 169 3.28 -34.97 20.58
CA LEU B 169 1.82 -35.07 20.67
C LEU B 169 1.16 -33.70 20.42
N VAL B 170 0.50 -33.54 19.26
CA VAL B 170 -0.17 -32.30 18.87
C VAL B 170 -1.58 -32.26 19.44
N THR B 171 -1.91 -31.19 20.19
CA THR B 171 -3.22 -31.00 20.82
C THR B 171 -3.89 -29.68 20.37
N GLY B 172 -5.19 -29.55 20.66
CA GLY B 172 -6.00 -28.38 20.32
C GLY B 172 -6.27 -28.22 18.85
N LEU B 173 -6.67 -29.32 18.18
CA LEU B 173 -6.99 -29.35 16.74
C LEU B 173 -8.50 -29.43 16.50
N LYS B 174 -8.94 -29.05 15.29
CA LYS B 174 -10.34 -29.09 14.90
C LYS B 174 -10.68 -30.50 14.34
N PRO B 175 -11.93 -31.03 14.50
CA PRO B 175 -12.22 -32.37 13.97
C PRO B 175 -12.47 -32.37 12.47
N ASN B 176 -12.06 -33.47 11.78
CA ASN B 176 -12.19 -33.70 10.33
C ASN B 176 -11.63 -32.55 9.50
N THR B 177 -10.32 -32.28 9.63
CA THR B 177 -9.62 -31.24 8.90
C THR B 177 -8.17 -31.65 8.65
N LEU B 178 -7.72 -31.51 7.40
CA LEU B 178 -6.39 -31.87 6.95
C LEU B 178 -5.31 -30.90 7.47
N TYR B 179 -4.27 -31.46 8.11
CA TYR B 179 -3.13 -30.74 8.67
C TYR B 179 -1.83 -31.19 8.03
N GLU B 180 -0.90 -30.25 7.85
CA GLU B 180 0.43 -30.53 7.31
C GLU B 180 1.46 -30.47 8.45
N PHE B 181 2.33 -31.47 8.52
CA PHE B 181 3.35 -31.57 9.58
C PHE B 181 4.75 -31.69 9.00
N SER B 182 5.72 -31.05 9.66
CA SER B 182 7.14 -31.08 9.33
C SER B 182 7.98 -30.76 10.55
N VAL B 183 9.21 -31.30 10.59
CA VAL B 183 10.12 -31.10 11.71
C VAL B 183 11.50 -30.63 11.26
N MET B 184 12.17 -29.84 12.11
CA MET B 184 13.51 -29.32 11.86
C MET B 184 14.40 -29.56 13.09
N VAL B 185 15.73 -29.56 12.89
CA VAL B 185 16.69 -29.74 13.97
C VAL B 185 17.53 -28.45 14.12
N THR B 186 17.71 -27.98 15.36
CA THR B 186 18.47 -26.77 15.67
C THR B 186 19.55 -27.09 16.70
N LYS B 187 20.84 -26.97 16.31
CA LYS B 187 21.97 -27.23 17.21
C LYS B 187 22.55 -25.95 17.83
N GLY B 188 22.50 -24.85 17.09
CA GLY B 188 22.96 -23.54 17.53
C GLY B 188 22.78 -22.53 16.42
N ARG B 189 23.89 -21.95 15.94
CA ARG B 189 23.91 -21.01 14.81
C ARG B 189 23.62 -21.81 13.54
N ARG B 190 23.95 -23.12 13.59
CA ARG B 190 23.74 -24.12 12.54
C ARG B 190 22.40 -24.80 12.81
N SER B 191 21.51 -24.81 11.80
CA SER B 191 20.18 -25.44 11.89
C SER B 191 19.71 -25.94 10.53
N SER B 192 19.05 -27.11 10.51
CA SER B 192 18.53 -27.72 9.30
C SER B 192 17.14 -27.22 8.93
N THR B 193 16.85 -27.22 7.62
CA THR B 193 15.55 -26.84 7.05
C THR B 193 14.46 -27.86 7.45
N TRP B 194 13.19 -27.55 7.13
CA TRP B 194 12.05 -28.41 7.45
C TRP B 194 12.06 -29.72 6.69
N SER B 195 11.69 -30.83 7.38
CA SER B 195 11.63 -32.19 6.82
C SER B 195 10.47 -32.32 5.84
N MET B 196 10.44 -33.45 5.10
CA MET B 196 9.38 -33.77 4.13
C MET B 196 8.00 -33.67 4.80
N THR B 197 7.06 -32.95 4.15
CA THR B 197 5.72 -32.70 4.67
C THR B 197 4.91 -33.99 4.79
N ALA B 198 4.38 -34.26 6.01
CA ALA B 198 3.55 -35.41 6.33
C ALA B 198 2.14 -34.92 6.68
N HIS B 199 1.13 -35.42 5.97
CA HIS B 199 -0.26 -34.98 6.17
C HIS B 199 -1.05 -35.89 7.10
N GLY B 200 -1.77 -35.27 8.01
CA GLY B 200 -2.61 -35.95 8.99
C GLY B 200 -3.98 -35.31 9.11
N ALA B 201 -5.03 -36.08 8.79
CA ALA B 201 -6.42 -35.62 8.85
C ALA B 201 -7.09 -36.13 10.13
N THR B 202 -7.65 -35.20 10.93
CA THR B 202 -8.33 -35.49 12.20
C THR B 202 -9.59 -36.35 12.02
N PHE B 203 -9.98 -37.07 13.10
CA PHE B 203 -11.17 -37.90 13.10
C PHE B 203 -12.43 -37.03 13.18
N GLU B 204 -13.54 -37.53 12.61
CA GLU B 204 -14.85 -36.86 12.60
C GLU B 204 -15.45 -36.83 14.01
N LEU B 205 -16.33 -35.85 14.28
CA LEU B 205 -17.00 -35.70 15.58
C LEU B 205 -18.45 -35.23 15.42
N VAL B 206 -19.24 -35.39 16.51
CA VAL B 206 -20.65 -34.98 16.61
C VAL B 206 -20.67 -33.43 16.53
N PRO B 207 -21.50 -32.82 15.64
CA PRO B 207 -21.49 -31.34 15.54
C PRO B 207 -21.82 -30.64 16.86
N THR B 208 -21.09 -29.54 17.15
CA THR B 208 -21.22 -28.78 18.39
C THR B 208 -21.86 -27.38 18.19
N SER B 209 -22.24 -27.02 16.94
CA SER B 209 -22.87 -25.74 16.64
C SER B 209 -24.08 -25.89 15.69
N PRO B 210 -25.20 -25.15 15.92
CA PRO B 210 -26.37 -25.29 15.03
C PRO B 210 -26.26 -24.48 13.72
N PRO B 211 -27.00 -24.86 12.63
CA PRO B 211 -26.89 -24.10 11.37
C PRO B 211 -27.35 -22.65 11.46
N LYS B 212 -26.48 -21.73 11.02
CA LYS B 212 -26.69 -20.29 11.04
C LYS B 212 -27.41 -19.76 9.78
N ASP B 213 -27.84 -18.48 9.84
CA ASP B 213 -28.54 -17.73 8.78
C ASP B 213 -29.82 -18.41 8.28
N VAL B 214 -30.77 -18.64 9.21
CA VAL B 214 -32.07 -19.26 8.89
C VAL B 214 -32.99 -18.16 8.33
N THR B 215 -33.28 -18.21 7.02
CA THR B 215 -34.13 -17.23 6.35
C THR B 215 -35.33 -17.87 5.66
N VAL B 216 -36.54 -17.41 6.03
CA VAL B 216 -37.83 -17.89 5.51
C VAL B 216 -38.52 -16.72 4.77
N VAL B 217 -38.91 -16.94 3.51
CA VAL B 217 -39.56 -15.90 2.67
C VAL B 217 -40.70 -16.50 1.80
N SER B 218 -41.77 -15.71 1.60
CA SER B 218 -42.93 -16.09 0.79
C SER B 218 -42.58 -16.10 -0.70
N LYS B 219 -42.83 -17.24 -1.36
CA LYS B 219 -42.54 -17.44 -2.78
C LYS B 219 -43.55 -16.71 -3.67
N GLU B 220 -43.04 -15.90 -4.62
CA GLU B 220 -43.86 -15.17 -5.59
C GLU B 220 -44.33 -16.22 -6.62
N GLY B 221 -45.64 -16.44 -6.67
CA GLY B 221 -46.24 -17.46 -7.50
C GLY B 221 -46.43 -18.67 -6.60
N LYS B 222 -47.70 -19.06 -6.37
CA LYS B 222 -48.13 -20.14 -5.46
C LYS B 222 -47.82 -19.69 -4.01
N PRO B 223 -48.69 -18.85 -3.39
CA PRO B 223 -48.40 -18.37 -2.03
C PRO B 223 -48.54 -19.43 -0.94
N ARG B 224 -49.21 -20.56 -1.26
CA ARG B 224 -49.41 -21.68 -0.34
C ARG B 224 -48.09 -22.44 -0.08
N THR B 225 -47.07 -22.19 -0.92
CA THR B 225 -45.73 -22.78 -0.82
C THR B 225 -44.72 -21.72 -0.38
N ILE B 226 -43.99 -21.99 0.72
CA ILE B 226 -42.98 -21.09 1.28
C ILE B 226 -41.63 -21.80 1.41
N ILE B 227 -40.58 -21.24 0.78
CA ILE B 227 -39.21 -21.76 0.75
C ILE B 227 -38.39 -21.38 2.00
N VAL B 228 -37.66 -22.37 2.56
CA VAL B 228 -36.77 -22.22 3.72
C VAL B 228 -35.30 -22.29 3.25
N ASN B 229 -34.49 -21.30 3.67
CA ASN B 229 -33.08 -21.21 3.29
C ASN B 229 -32.16 -21.23 4.50
N TRP B 230 -31.15 -22.12 4.46
CA TRP B 230 -30.18 -22.27 5.54
C TRP B 230 -28.75 -22.38 5.02
N GLN B 231 -27.77 -22.14 5.92
CA GLN B 231 -26.34 -22.22 5.63
C GLN B 231 -25.70 -23.27 6.57
N PRO B 232 -24.56 -23.90 6.21
CA PRO B 232 -23.97 -24.92 7.12
C PRO B 232 -23.33 -24.29 8.37
N PRO B 233 -23.40 -24.95 9.55
CA PRO B 233 -22.78 -24.37 10.75
C PRO B 233 -21.26 -24.31 10.70
N SER B 234 -20.65 -23.43 11.53
CA SER B 234 -19.21 -23.24 11.61
C SER B 234 -18.52 -24.53 12.10
N GLU B 235 -19.01 -25.12 13.20
CA GLU B 235 -18.47 -26.36 13.77
C GLU B 235 -19.23 -27.55 13.18
N ALA B 236 -18.95 -27.87 11.90
CA ALA B 236 -19.56 -28.99 11.20
C ALA B 236 -19.00 -30.31 11.74
N ASN B 237 -17.70 -30.30 12.14
CA ASN B 237 -16.94 -31.42 12.72
C ASN B 237 -16.93 -32.71 11.85
N GLY B 238 -17.19 -32.57 10.55
CA GLY B 238 -17.21 -33.68 9.60
C GLY B 238 -18.03 -33.45 8.35
N LYS B 239 -18.07 -34.47 7.48
CA LYS B 239 -18.81 -34.46 6.21
C LYS B 239 -20.30 -34.59 6.50
N ILE B 240 -21.07 -33.53 6.18
CA ILE B 240 -22.52 -33.48 6.40
C ILE B 240 -23.26 -34.33 5.35
N THR B 241 -24.07 -35.29 5.83
CA THR B 241 -24.83 -36.22 4.99
C THR B 241 -26.29 -35.80 4.78
N GLY B 242 -26.86 -35.07 5.73
CA GLY B 242 -28.24 -34.60 5.67
C GLY B 242 -28.55 -33.43 6.57
N TYR B 243 -29.78 -32.91 6.44
CA TYR B 243 -30.31 -31.79 7.24
C TYR B 243 -31.75 -32.07 7.66
N ILE B 244 -32.10 -31.75 8.91
CA ILE B 244 -33.45 -31.97 9.42
C ILE B 244 -34.16 -30.65 9.69
N ILE B 245 -35.29 -30.42 8.99
CA ILE B 245 -36.10 -29.21 9.13
C ILE B 245 -37.31 -29.51 10.02
N TYR B 246 -37.59 -28.62 10.98
CA TYR B 246 -38.72 -28.75 11.93
C TYR B 246 -39.64 -27.53 11.77
N TYR B 247 -40.95 -27.77 11.60
CA TYR B 247 -41.93 -26.68 11.46
C TYR B 247 -43.24 -26.99 12.18
N SER B 248 -43.70 -26.03 13.01
CA SER B 248 -44.94 -26.13 13.79
C SER B 248 -45.52 -24.76 14.14
N THR B 249 -46.83 -24.72 14.43
CA THR B 249 -47.56 -23.51 14.79
C THR B 249 -47.23 -23.04 16.22
N ASP B 250 -46.91 -23.99 17.12
CA ASP B 250 -46.56 -23.71 18.52
C ASP B 250 -45.10 -24.03 18.83
N VAL B 251 -44.42 -23.10 19.53
CA VAL B 251 -43.00 -23.21 19.92
C VAL B 251 -42.80 -23.95 21.23
N ASN B 252 -43.67 -23.69 22.23
CA ASN B 252 -43.62 -24.29 23.58
C ASN B 252 -43.75 -25.81 23.59
N ALA B 253 -44.31 -26.40 22.52
CA ALA B 253 -44.45 -27.85 22.35
C ALA B 253 -43.10 -28.50 22.04
N GLU B 254 -42.84 -29.69 22.61
CA GLU B 254 -41.60 -30.44 22.42
C GLU B 254 -41.43 -31.00 20.99
N ILE B 255 -40.21 -31.49 20.68
CA ILE B 255 -39.77 -32.04 19.39
C ILE B 255 -40.73 -33.14 18.85
N HIS B 256 -41.26 -34.00 19.74
CA HIS B 256 -42.18 -35.09 19.37
C HIS B 256 -43.47 -34.58 18.71
N ASP B 257 -43.92 -33.36 19.07
CA ASP B 257 -45.11 -32.72 18.49
C ASP B 257 -44.81 -32.11 17.12
N TRP B 258 -43.58 -31.55 16.95
CA TRP B 258 -43.10 -30.93 15.71
C TRP B 258 -42.89 -31.98 14.61
N VAL B 259 -43.34 -31.68 13.38
CA VAL B 259 -43.19 -32.60 12.24
C VAL B 259 -41.76 -32.61 11.71
N ILE B 260 -41.25 -33.82 11.47
CA ILE B 260 -39.89 -34.07 10.98
C ILE B 260 -39.89 -33.99 9.44
N GLU B 261 -38.95 -33.23 8.86
CA GLU B 261 -38.82 -33.09 7.41
C GLU B 261 -37.34 -33.20 6.97
N PRO B 262 -36.74 -34.41 7.03
CA PRO B 262 -35.32 -34.54 6.64
C PRO B 262 -35.04 -34.45 5.15
N VAL B 263 -33.86 -33.91 4.79
CA VAL B 263 -33.40 -33.72 3.40
C VAL B 263 -31.96 -34.24 3.21
N VAL B 264 -31.39 -34.04 1.99
CA VAL B 264 -30.04 -34.45 1.64
C VAL B 264 -29.02 -33.34 2.00
N GLY B 265 -27.80 -33.75 2.36
CA GLY B 265 -26.73 -32.86 2.78
C GLY B 265 -26.15 -31.95 1.72
N ASN B 266 -26.11 -32.43 0.46
CA ASN B 266 -25.56 -31.66 -0.67
C ASN B 266 -26.47 -30.51 -1.13
N ARG B 267 -27.72 -30.48 -0.67
CA ARG B 267 -28.70 -29.44 -0.99
C ARG B 267 -29.07 -28.64 0.25
N LEU B 268 -28.99 -27.31 0.15
CA LEU B 268 -29.26 -26.37 1.24
C LEU B 268 -30.60 -25.64 1.12
N THR B 269 -31.51 -26.14 0.25
CA THR B 269 -32.84 -25.59 0.02
C THR B 269 -33.89 -26.70 -0.09
N HIS B 270 -35.13 -26.41 0.38
CA HIS B 270 -36.25 -27.35 0.33
C HIS B 270 -37.60 -26.64 0.27
N GLN B 271 -38.41 -26.97 -0.75
CA GLN B 271 -39.75 -26.39 -0.95
C GLN B 271 -40.79 -27.16 -0.16
N ILE B 272 -41.56 -26.45 0.69
CA ILE B 272 -42.61 -27.05 1.51
C ILE B 272 -43.98 -26.71 0.91
N GLN B 273 -44.76 -27.75 0.57
CA GLN B 273 -46.09 -27.61 -0.03
C GLN B 273 -47.21 -27.90 0.97
N GLU B 274 -48.44 -27.41 0.66
CA GLU B 274 -49.67 -27.56 1.45
C GLU B 274 -49.55 -26.98 2.87
N LEU B 275 -49.42 -25.64 2.96
CA LEU B 275 -49.30 -24.93 4.23
C LEU B 275 -50.60 -24.21 4.59
N THR B 276 -51.03 -24.34 5.86
CA THR B 276 -52.27 -23.76 6.39
C THR B 276 -52.29 -22.22 6.35
N LEU B 277 -53.48 -21.64 6.14
CA LEU B 277 -53.71 -20.18 6.06
C LEU B 277 -53.95 -19.55 7.43
N ASP B 278 -53.49 -18.29 7.60
CA ASP B 278 -53.59 -17.47 8.81
C ASP B 278 -53.03 -18.18 10.06
N THR B 279 -51.82 -18.76 9.92
CA THR B 279 -51.12 -19.48 10.98
C THR B 279 -49.65 -19.04 11.08
N PRO B 280 -49.15 -18.67 12.28
CA PRO B 280 -47.73 -18.27 12.38
C PRO B 280 -46.79 -19.46 12.48
N TYR B 281 -45.95 -19.63 11.44
CA TYR B 281 -44.99 -20.72 11.34
C TYR B 281 -43.65 -20.41 11.97
N TYR B 282 -43.06 -21.41 12.65
CA TYR B 282 -41.75 -21.35 13.31
C TYR B 282 -40.84 -22.42 12.73
N PHE B 283 -39.54 -22.09 12.55
CA PHE B 283 -38.57 -23.00 11.94
C PHE B 283 -37.31 -23.28 12.77
N LYS B 284 -36.81 -24.53 12.70
CA LYS B 284 -35.61 -25.01 13.37
C LYS B 284 -34.93 -26.06 12.46
N ILE B 285 -33.64 -25.85 12.16
CA ILE B 285 -32.85 -26.75 11.30
C ILE B 285 -31.68 -27.38 12.08
N GLN B 286 -31.39 -28.67 11.82
CA GLN B 286 -30.29 -29.43 12.44
C GLN B 286 -29.46 -30.16 11.38
N ALA B 287 -28.16 -30.36 11.64
CA ALA B 287 -27.22 -31.03 10.73
C ALA B 287 -26.95 -32.48 11.11
N ARG B 288 -26.67 -33.33 10.11
CA ARG B 288 -26.39 -34.77 10.29
C ARG B 288 -24.93 -35.12 10.06
N ASN B 289 -24.41 -36.03 10.87
CA ASN B 289 -23.03 -36.53 10.80
C ASN B 289 -22.94 -38.02 11.09
N SER B 290 -21.79 -38.64 10.77
CA SER B 290 -21.52 -40.06 10.98
C SER B 290 -21.37 -40.41 12.47
N LYS B 291 -20.94 -39.44 13.29
CA LYS B 291 -20.73 -39.62 14.73
C LYS B 291 -21.98 -39.29 15.57
N GLY B 292 -22.79 -38.35 15.08
CA GLY B 292 -24.01 -37.92 15.76
C GLY B 292 -24.83 -36.89 15.03
N MET B 293 -25.58 -36.07 15.80
CA MET B 293 -26.46 -35.02 15.29
C MET B 293 -26.10 -33.65 15.85
N GLY B 294 -26.38 -32.61 15.06
CA GLY B 294 -26.13 -31.22 15.42
C GLY B 294 -27.08 -30.68 16.48
N PRO B 295 -26.68 -29.63 17.25
CA PRO B 295 -27.58 -29.10 18.29
C PRO B 295 -28.74 -28.26 17.74
N MET B 296 -29.72 -27.95 18.60
CA MET B 296 -30.91 -27.16 18.25
C MET B 296 -30.61 -25.67 18.06
N SER B 297 -31.38 -25.02 17.16
CA SER B 297 -31.26 -23.60 16.84
C SER B 297 -32.49 -22.79 17.31
N GLU B 298 -32.36 -21.46 17.35
CA GLU B 298 -33.43 -20.55 17.77
C GLU B 298 -34.48 -20.40 16.66
N ALA B 299 -35.77 -20.45 17.05
CA ALA B 299 -36.92 -20.35 16.13
C ALA B 299 -37.09 -18.96 15.54
N VAL B 300 -37.60 -18.89 14.29
CA VAL B 300 -37.86 -17.65 13.55
C VAL B 300 -39.36 -17.44 13.32
N GLN B 301 -39.82 -16.16 13.40
CA GLN B 301 -41.23 -15.79 13.21
C GLN B 301 -41.56 -15.50 11.76
N PHE B 302 -42.65 -16.12 11.24
CA PHE B 302 -43.14 -15.95 9.87
C PHE B 302 -44.63 -16.29 9.80
N ARG B 303 -45.48 -15.29 9.49
CA ARG B 303 -46.94 -15.46 9.41
C ARG B 303 -47.45 -15.49 7.96
N THR B 304 -48.54 -16.24 7.73
CA THR B 304 -49.19 -16.40 6.42
C THR B 304 -50.50 -15.60 6.35
N PRO B 305 -50.84 -14.93 5.23
CA PRO B 305 -52.11 -14.18 5.17
C PRO B 305 -53.30 -15.04 4.78
N PRO C 5 -11.37 -39.10 -19.13
CA PRO C 5 -12.02 -40.00 -18.18
C PRO C 5 -13.00 -39.26 -17.27
N CYS C 6 -12.50 -38.25 -16.52
CA CYS C 6 -13.29 -37.41 -15.62
C CYS C 6 -13.74 -36.13 -16.32
N ASN C 7 -13.00 -35.70 -17.36
CA ASN C 7 -13.22 -34.49 -18.16
C ASN C 7 -14.59 -34.47 -18.85
N TYR C 8 -15.01 -33.25 -19.29
CA TYR C 8 -16.28 -32.96 -19.98
C TYR C 8 -16.58 -33.87 -21.17
N HIS C 9 -15.55 -34.22 -21.98
CA HIS C 9 -15.70 -35.08 -23.16
C HIS C 9 -16.01 -36.54 -22.78
N SER C 26 -20.86 -24.21 -25.89
CA SER C 26 -20.88 -22.79 -25.57
C SER C 26 -20.90 -22.55 -24.05
N TYR C 27 -20.02 -21.65 -23.57
CA TYR C 27 -19.88 -21.29 -22.16
C TYR C 27 -20.73 -20.06 -21.82
N LEU C 28 -21.53 -20.15 -20.74
CA LEU C 28 -22.40 -19.07 -20.25
C LEU C 28 -21.86 -18.49 -18.95
N PHE C 29 -21.86 -17.16 -18.83
CA PHE C 29 -21.33 -16.44 -17.66
C PHE C 29 -22.40 -15.93 -16.68
N CYS C 30 -22.05 -15.89 -15.38
CA CYS C 30 -22.89 -15.40 -14.29
C CYS C 30 -22.06 -14.53 -13.34
N GLY C 31 -22.50 -13.29 -13.13
CA GLY C 31 -21.81 -12.33 -12.28
C GLY C 31 -22.59 -11.88 -11.07
N LEU C 32 -21.86 -11.44 -10.01
CA LEU C 32 -22.42 -10.96 -8.75
C LEU C 32 -21.42 -10.03 -8.02
N PHE C 33 -21.76 -8.73 -7.92
CA PHE C 33 -20.94 -7.71 -7.25
C PHE C 33 -21.77 -6.68 -6.50
N GLY C 34 -21.27 -6.25 -5.34
CA GLY C 34 -21.93 -5.27 -4.48
C GLY C 34 -21.93 -3.86 -5.01
N ASP C 35 -22.81 -3.01 -4.44
CA ASP C 35 -22.96 -1.60 -4.81
C ASP C 35 -21.99 -0.73 -4.02
N PRO D 1 -26.67 -6.13 -4.37
CA PRO D 1 -25.84 -6.89 -5.31
C PRO D 1 -26.39 -6.89 -6.74
N HIS D 2 -25.57 -6.39 -7.69
CA HIS D 2 -25.92 -6.32 -9.10
C HIS D 2 -25.82 -7.70 -9.73
N LEU D 3 -26.96 -8.22 -10.23
CA LEU D 3 -27.03 -9.54 -10.85
C LEU D 3 -26.87 -9.53 -12.36
N ARG D 4 -26.13 -10.50 -12.89
CA ARG D 4 -25.89 -10.71 -14.32
C ARG D 4 -26.12 -12.19 -14.61
N THR D 5 -27.33 -12.53 -15.09
CA THR D 5 -27.74 -13.90 -15.40
C THR D 5 -27.06 -14.44 -16.67
N PHE D 6 -27.24 -15.76 -16.94
CA PHE D 6 -26.71 -16.42 -18.13
C PHE D 6 -27.44 -15.94 -19.39
N LYS D 7 -28.65 -15.39 -19.22
CA LYS D 7 -29.51 -14.85 -20.28
C LYS D 7 -29.21 -13.36 -20.58
N ASP D 8 -28.15 -12.81 -19.93
CA ASP D 8 -27.66 -11.43 -20.05
C ASP D 8 -28.70 -10.38 -19.60
N ASN D 9 -29.31 -10.62 -18.42
CA ASN D 9 -30.33 -9.75 -17.83
C ASN D 9 -29.77 -9.07 -16.57
N PHE D 10 -29.93 -7.74 -16.47
CA PHE D 10 -29.47 -6.96 -15.32
C PHE D 10 -30.63 -6.57 -14.41
N GLN D 11 -30.59 -7.05 -13.16
CA GLN D 11 -31.61 -6.78 -12.14
C GLN D 11 -30.99 -6.47 -10.78
N THR D 12 -31.54 -5.46 -10.09
CA THR D 12 -31.10 -5.02 -8.76
C THR D 12 -32.03 -5.54 -7.67
N CYS D 13 -31.77 -6.78 -7.20
CA CYS D 13 -32.56 -7.45 -6.17
C CYS D 13 -31.90 -7.39 -4.80
N LYS D 14 -32.70 -7.05 -3.76
CA LYS D 14 -32.27 -6.94 -2.36
C LYS D 14 -31.70 -8.25 -1.84
N VAL D 15 -32.38 -9.39 -2.14
CA VAL D 15 -32.06 -10.79 -1.77
C VAL D 15 -31.45 -10.87 -0.34
N GLU D 16 -32.17 -10.31 0.66
CA GLU D 16 -31.78 -10.26 2.07
C GLU D 16 -31.70 -11.65 2.71
N GLY D 17 -30.52 -11.98 3.23
CA GLY D 17 -30.24 -13.26 3.85
C GLY D 17 -29.78 -14.31 2.86
N ALA D 18 -29.88 -15.60 3.25
CA ALA D 18 -29.48 -16.74 2.43
C ALA D 18 -30.44 -16.96 1.23
N TRP D 19 -29.87 -16.96 0.00
CA TRP D 19 -30.61 -17.13 -1.25
C TRP D 19 -29.80 -18.00 -2.24
N PRO D 20 -30.42 -19.01 -2.91
CA PRO D 20 -29.64 -19.86 -3.84
C PRO D 20 -29.53 -19.32 -5.27
N LEU D 21 -28.29 -19.20 -5.79
CA LEU D 21 -28.04 -18.74 -7.16
C LEU D 21 -28.14 -19.92 -8.12
N ILE D 22 -27.39 -21.01 -7.82
CA ILE D 22 -27.34 -22.24 -8.60
C ILE D 22 -27.76 -23.41 -7.68
N ASP D 23 -28.77 -24.20 -8.11
CA ASP D 23 -29.25 -25.36 -7.37
C ASP D 23 -29.70 -26.47 -8.32
N ASN D 24 -28.96 -27.60 -8.29
CA ASN D 24 -29.21 -28.79 -9.12
C ASN D 24 -28.63 -30.08 -8.48
N ASN D 25 -28.20 -31.05 -9.31
CA ASN D 25 -27.63 -32.32 -8.86
C ASN D 25 -26.13 -32.45 -9.23
N TYR D 26 -25.52 -31.35 -9.74
CA TYR D 26 -24.12 -31.29 -10.14
C TYR D 26 -23.33 -30.20 -9.37
N LEU D 27 -24.00 -29.11 -8.94
CA LEU D 27 -23.39 -27.98 -8.22
C LEU D 27 -24.43 -27.20 -7.40
N SER D 28 -24.07 -26.84 -6.15
CA SER D 28 -24.92 -26.04 -5.24
C SER D 28 -24.20 -24.75 -4.87
N VAL D 29 -24.91 -23.61 -4.97
CA VAL D 29 -24.39 -22.26 -4.65
C VAL D 29 -25.37 -21.55 -3.72
N GLN D 30 -24.89 -21.13 -2.53
CA GLN D 30 -25.69 -20.42 -1.52
C GLN D 30 -24.97 -19.16 -1.04
N VAL D 31 -25.66 -18.00 -1.12
CA VAL D 31 -25.09 -16.71 -0.72
C VAL D 31 -26.00 -15.97 0.28
N THR D 32 -25.40 -15.34 1.31
CA THR D 32 -26.16 -14.56 2.29
C THR D 32 -25.87 -13.06 2.14
N ASN D 33 -26.87 -12.21 2.39
CA ASN D 33 -26.75 -10.75 2.25
C ASN D 33 -27.15 -9.98 3.50
N VAL D 34 -26.39 -8.90 3.77
CA VAL D 34 -26.59 -7.98 4.89
C VAL D 34 -26.48 -6.51 4.40
N PRO D 35 -27.41 -5.61 4.79
CA PRO D 35 -27.31 -4.21 4.32
C PRO D 35 -26.16 -3.45 4.98
N VAL D 36 -25.42 -2.66 4.17
CA VAL D 36 -24.28 -1.85 4.61
C VAL D 36 -24.74 -0.72 5.56
N VAL D 37 -25.97 -0.20 5.35
CA VAL D 37 -26.60 0.85 6.16
C VAL D 37 -27.82 0.21 6.87
N PRO D 38 -27.97 0.36 8.20
CA PRO D 38 -29.13 -0.27 8.89
C PRO D 38 -30.49 0.32 8.47
N GLY D 39 -31.36 -0.56 7.99
CA GLY D 39 -32.70 -0.21 7.53
C GLY D 39 -32.71 0.57 6.22
N SER D 40 -32.01 0.04 5.20
CA SER D 40 -31.90 0.65 3.88
C SER D 40 -32.15 -0.35 2.75
N SER D 41 -32.46 0.15 1.54
CA SER D 41 -32.74 -0.65 0.35
C SER D 41 -31.51 -1.37 -0.20
N ALA D 42 -30.32 -0.74 -0.10
CA ALA D 42 -29.05 -1.29 -0.58
C ALA D 42 -28.55 -2.46 0.26
N THR D 43 -28.06 -3.53 -0.42
CA THR D 43 -27.53 -4.75 0.19
C THR D 43 -26.26 -5.24 -0.53
N ALA D 44 -25.48 -6.13 0.14
CA ALA D 44 -24.23 -6.71 -0.39
C ALA D 44 -23.95 -8.10 0.20
N THR D 45 -23.35 -9.00 -0.60
CA THR D 45 -23.00 -10.38 -0.21
C THR D 45 -21.86 -10.41 0.80
N ASN D 46 -22.01 -11.23 1.86
CA ASN D 46 -21.01 -11.36 2.93
C ASN D 46 -20.43 -12.78 3.06
N LYS D 47 -21.17 -13.80 2.58
CA LYS D 47 -20.76 -15.21 2.68
C LYS D 47 -21.22 -16.05 1.48
N ILE D 48 -20.28 -16.76 0.84
CA ILE D 48 -20.50 -17.63 -0.33
C ILE D 48 -20.20 -19.08 0.03
N THR D 49 -21.17 -19.98 -0.22
CA THR D 49 -21.06 -21.42 0.02
C THR D 49 -21.21 -22.19 -1.30
N ILE D 50 -20.15 -22.94 -1.69
CA ILE D 50 -20.13 -23.75 -2.91
C ILE D 50 -20.07 -25.22 -2.52
N ILE D 51 -21.08 -26.01 -2.92
CA ILE D 51 -21.12 -27.44 -2.60
C ILE D 51 -21.01 -28.26 -3.89
N PHE D 52 -20.02 -29.16 -3.94
CA PHE D 52 -19.78 -30.07 -5.04
C PHE D 52 -20.37 -31.42 -4.65
N LYS D 53 -21.23 -31.99 -5.51
CA LYS D 53 -21.94 -33.24 -5.27
C LYS D 53 -21.03 -34.46 -5.38
N ALA D 54 -21.29 -35.50 -4.56
CA ALA D 54 -20.53 -36.75 -4.54
C ALA D 54 -20.73 -37.58 -5.81
N HIS D 55 -19.71 -37.59 -6.69
CA HIS D 55 -19.75 -38.35 -7.94
C HIS D 55 -18.78 -39.53 -7.91
N HIS D 56 -19.29 -40.74 -8.26
CA HIS D 56 -18.51 -41.98 -8.27
C HIS D 56 -17.43 -41.97 -9.35
N GLY D 57 -16.21 -42.33 -8.94
CA GLY D 57 -15.05 -42.43 -9.83
C GLY D 57 -14.23 -41.16 -9.97
N CYS D 58 -14.85 -39.98 -9.78
CA CYS D 58 -14.16 -38.70 -9.94
C CYS D 58 -13.82 -38.02 -8.61
N THR D 59 -14.82 -37.37 -7.96
CA THR D 59 -14.61 -36.62 -6.71
C THR D 59 -15.68 -36.88 -5.65
N ASP D 60 -15.28 -36.80 -4.37
CA ASP D 60 -16.16 -36.95 -3.21
C ASP D 60 -16.81 -35.58 -2.92
N GLN D 61 -17.89 -35.55 -2.10
CA GLN D 61 -18.58 -34.31 -1.76
C GLN D 61 -17.73 -33.41 -0.83
N LYS D 62 -17.32 -32.25 -1.36
CA LYS D 62 -16.50 -31.26 -0.64
C LYS D 62 -17.26 -29.93 -0.56
N VAL D 63 -17.43 -29.40 0.67
CA VAL D 63 -18.16 -28.16 0.93
C VAL D 63 -17.19 -26.98 1.10
N TYR D 64 -17.34 -25.95 0.25
CA TYR D 64 -16.54 -24.73 0.29
C TYR D 64 -17.37 -23.62 0.93
N GLN D 65 -16.76 -22.87 1.85
CA GLN D 65 -17.41 -21.76 2.56
C GLN D 65 -16.43 -20.58 2.64
N ALA D 66 -16.88 -19.39 2.20
CA ALA D 66 -16.07 -18.16 2.22
C ALA D 66 -16.87 -17.03 2.87
N VAL D 67 -16.27 -16.37 3.90
CA VAL D 67 -16.92 -15.28 4.65
C VAL D 67 -16.15 -13.95 4.49
N THR D 68 -16.58 -12.89 5.23
CA THR D 68 -15.94 -11.58 5.22
C THR D 68 -14.57 -11.66 5.91
N ASP D 69 -13.54 -11.06 5.27
CA ASP D 69 -12.13 -11.05 5.71
C ASP D 69 -11.54 -12.47 5.79
N ASP D 70 -11.98 -13.36 4.87
CA ASP D 70 -11.57 -14.77 4.78
C ASP D 70 -11.78 -15.33 3.36
N LEU D 71 -10.66 -15.52 2.61
CA LEU D 71 -10.65 -16.07 1.25
C LEU D 71 -9.91 -17.41 1.26
N PRO D 72 -10.57 -18.53 1.65
CA PRO D 72 -9.85 -19.81 1.72
C PRO D 72 -9.51 -20.42 0.37
N ALA D 73 -8.34 -21.07 0.31
CA ALA D 73 -7.84 -21.75 -0.88
C ALA D 73 -8.19 -23.26 -0.82
N ALA D 74 -9.05 -23.63 0.17
CA ALA D 74 -9.50 -25.00 0.39
C ALA D 74 -10.92 -25.07 0.97
N PHE D 75 -11.44 -26.31 1.13
CA PHE D 75 -12.77 -26.61 1.65
C PHE D 75 -12.74 -26.71 3.18
N VAL D 76 -13.94 -26.78 3.83
CA VAL D 76 -14.08 -26.90 5.29
C VAL D 76 -13.38 -28.16 5.83
N ASP D 77 -13.23 -29.19 4.98
CA ASP D 77 -12.55 -30.45 5.27
C ASP D 77 -11.02 -30.26 5.35
N GLY D 78 -10.54 -29.05 5.03
CA GLY D 78 -9.13 -28.67 5.06
C GLY D 78 -8.33 -29.00 3.82
N THR D 79 -8.79 -29.97 3.01
CA THR D 79 -8.13 -30.42 1.78
C THR D 79 -8.31 -29.43 0.62
N THR D 80 -7.27 -29.31 -0.23
CA THR D 80 -7.23 -28.42 -1.38
C THR D 80 -7.82 -29.07 -2.66
N SER D 81 -7.69 -30.40 -2.81
CA SER D 81 -8.19 -31.14 -3.98
C SER D 81 -9.41 -31.98 -3.63
N GLY D 82 -10.36 -32.04 -4.56
CA GLY D 82 -11.60 -32.80 -4.43
C GLY D 82 -11.40 -34.30 -4.50
N GLY D 83 -12.00 -35.01 -3.55
CA GLY D 83 -11.94 -36.46 -3.43
C GLY D 83 -10.58 -36.95 -2.99
N ASP D 84 -10.01 -37.90 -3.77
CA ASP D 84 -8.70 -38.51 -3.53
C ASP D 84 -7.56 -37.52 -3.83
N SER D 85 -6.39 -37.71 -3.18
CA SER D 85 -5.21 -36.86 -3.34
C SER D 85 -4.58 -36.98 -4.75
N ASP D 86 -4.59 -38.19 -5.33
CA ASP D 86 -4.06 -38.47 -6.66
C ASP D 86 -4.94 -37.88 -7.78
N ALA D 87 -6.25 -37.74 -7.53
CA ALA D 87 -7.22 -37.18 -8.47
C ALA D 87 -7.02 -35.68 -8.64
N LYS D 88 -6.82 -35.24 -9.89
CA LYS D 88 -6.59 -33.84 -10.26
C LYS D 88 -7.80 -33.23 -11.01
N SER D 89 -9.02 -33.77 -10.74
CA SER D 89 -10.28 -33.34 -11.36
C SER D 89 -10.77 -32.00 -10.80
N LEU D 90 -10.73 -31.84 -9.46
CA LEU D 90 -11.18 -30.63 -8.77
C LEU D 90 -9.99 -29.94 -8.08
N ARG D 91 -9.71 -28.67 -8.44
CA ARG D 91 -8.60 -27.90 -7.89
C ARG D 91 -8.92 -26.42 -7.66
N ILE D 92 -8.25 -25.81 -6.65
CA ILE D 92 -8.39 -24.41 -6.27
C ILE D 92 -7.03 -23.72 -6.43
N VAL D 93 -6.98 -22.60 -7.17
CA VAL D 93 -5.76 -21.82 -7.43
C VAL D 93 -5.88 -20.45 -6.74
N GLU D 94 -4.82 -20.03 -6.02
CA GLU D 94 -4.79 -18.75 -5.29
C GLU D 94 -3.71 -17.81 -5.85
N ARG D 95 -3.94 -16.48 -5.72
CA ARG D 95 -3.03 -15.43 -6.17
C ARG D 95 -2.89 -14.35 -5.09
N TYR D 100 -6.61 -12.88 -5.24
CA TYR D 100 -7.63 -13.47 -6.09
C TYR D 100 -7.61 -15.00 -5.97
N VAL D 101 -8.77 -15.61 -5.66
CA VAL D 101 -8.87 -17.07 -5.53
C VAL D 101 -9.85 -17.61 -6.60
N GLU D 102 -9.41 -18.64 -7.35
CA GLU D 102 -10.19 -19.25 -8.42
C GLU D 102 -10.38 -20.76 -8.25
N MET D 103 -11.55 -21.28 -8.68
CA MET D 103 -11.90 -22.70 -8.61
C MET D 103 -11.99 -23.31 -10.01
N HIS D 104 -11.39 -24.49 -10.19
CA HIS D 104 -11.39 -25.23 -11.46
C HIS D 104 -12.03 -26.61 -11.27
N ALA D 105 -13.09 -26.91 -12.05
CA ALA D 105 -13.78 -28.19 -11.99
C ALA D 105 -13.95 -28.74 -13.41
N ARG D 106 -13.06 -29.68 -13.80
CA ARG D 106 -13.05 -30.30 -15.11
C ARG D 106 -14.18 -31.32 -15.33
N TYR D 107 -14.74 -31.87 -14.24
CA TYR D 107 -15.81 -32.86 -14.33
C TYR D 107 -17.19 -32.23 -14.61
N ILE D 108 -17.34 -30.91 -14.35
CA ILE D 108 -18.58 -30.16 -14.59
C ILE D 108 -18.32 -28.82 -15.33
N GLY D 109 -17.17 -28.74 -16.01
CA GLY D 109 -16.71 -27.59 -16.80
C GLY D 109 -16.99 -26.20 -16.27
N THR D 110 -16.81 -25.98 -14.95
CA THR D 110 -17.06 -24.68 -14.32
C THR D 110 -15.79 -24.02 -13.76
N THR D 111 -15.79 -22.67 -13.75
CA THR D 111 -14.71 -21.82 -13.23
C THR D 111 -15.29 -20.69 -12.37
N VAL D 112 -15.09 -20.77 -11.04
CA VAL D 112 -15.60 -19.80 -10.08
C VAL D 112 -14.49 -18.84 -9.65
N PHE D 113 -14.69 -17.52 -9.82
CA PHE D 113 -13.74 -16.47 -9.47
C PHE D 113 -14.26 -15.65 -8.27
N VAL D 114 -13.56 -15.76 -7.13
CA VAL D 114 -13.93 -15.08 -5.87
C VAL D 114 -12.78 -14.17 -5.38
N ARG D 115 -13.12 -12.94 -4.93
CA ARG D 115 -12.18 -11.97 -4.36
C ARG D 115 -12.89 -10.93 -3.48
N GLN D 116 -12.20 -10.46 -2.43
CA GLN D 116 -12.70 -9.47 -1.48
C GLN D 116 -12.50 -8.04 -2.03
N VAL D 117 -13.62 -7.31 -2.24
CA VAL D 117 -13.63 -5.93 -2.73
C VAL D 117 -14.18 -5.02 -1.63
N GLY D 118 -13.29 -4.26 -1.00
CA GLY D 118 -13.62 -3.37 0.10
C GLY D 118 -13.91 -4.14 1.36
N ARG D 119 -15.20 -4.36 1.65
CA ARG D 119 -15.67 -5.12 2.83
C ARG D 119 -16.55 -6.31 2.43
N TYR D 120 -16.81 -6.48 1.11
CA TYR D 120 -17.66 -7.55 0.59
C TYR D 120 -17.03 -8.33 -0.56
N LEU D 121 -17.40 -9.61 -0.69
CA LEU D 121 -16.88 -10.53 -1.72
C LEU D 121 -17.53 -10.34 -3.10
N THR D 122 -16.83 -10.78 -4.16
CA THR D 122 -17.28 -10.76 -5.55
C THR D 122 -17.37 -12.19 -6.10
N LEU D 123 -18.24 -12.42 -7.10
CA LEU D 123 -18.46 -13.75 -7.68
C LEU D 123 -18.58 -13.72 -9.21
N ALA D 124 -17.98 -14.72 -9.89
CA ALA D 124 -18.01 -14.89 -11.34
C ALA D 124 -17.92 -16.38 -11.72
N ILE D 125 -19.01 -16.94 -12.31
CA ILE D 125 -19.09 -18.35 -12.70
C ILE D 125 -19.30 -18.51 -14.21
N ARG D 126 -18.48 -19.39 -14.83
CA ARG D 126 -18.55 -19.73 -16.27
C ARG D 126 -18.91 -21.22 -16.37
N MET D 127 -20.14 -21.52 -16.84
CA MET D 127 -20.65 -22.88 -16.95
C MET D 127 -21.31 -23.17 -18.31
N PRO D 128 -21.17 -24.40 -18.90
CA PRO D 128 -21.83 -24.67 -20.20
C PRO D 128 -23.35 -24.79 -20.09
N GLU D 129 -24.04 -24.68 -21.24
CA GLU D 129 -25.50 -24.70 -21.36
C GLU D 129 -26.18 -25.96 -20.79
N ASP D 130 -25.75 -27.16 -21.19
CA ASP D 130 -26.33 -28.45 -20.78
C ASP D 130 -26.32 -28.66 -19.26
N LEU D 131 -25.20 -28.33 -18.59
CA LEU D 131 -25.06 -28.50 -17.14
C LEU D 131 -25.82 -27.43 -16.36
N ALA D 132 -25.96 -26.22 -16.93
CA ALA D 132 -26.68 -25.11 -16.31
C ALA D 132 -28.20 -25.30 -16.35
N MET D 133 -28.71 -26.11 -17.31
CA MET D 133 -30.14 -26.37 -17.48
C MET D 133 -30.59 -27.71 -16.86
N SER D 134 -29.90 -28.17 -15.81
CA SER D 134 -30.26 -29.39 -15.08
C SER D 134 -31.06 -29.01 -13.84
N TYR D 135 -32.21 -29.68 -13.64
CA TYR D 135 -33.12 -29.43 -12.50
C TYR D 135 -33.92 -30.69 -12.13
N GLU D 136 -34.09 -30.92 -10.82
CA GLU D 136 -34.84 -32.06 -10.28
C GLU D 136 -36.24 -31.59 -9.83
N GLU D 137 -36.98 -32.44 -9.08
CA GLU D 137 -38.32 -32.15 -8.56
C GLU D 137 -38.20 -31.11 -7.43
N SER D 138 -39.12 -30.13 -7.42
CA SER D 138 -39.21 -28.99 -6.47
C SER D 138 -37.95 -28.10 -6.48
N GLN D 139 -37.31 -27.97 -7.66
CA GLN D 139 -36.10 -27.17 -7.89
C GLN D 139 -36.33 -26.22 -9.06
N ASP D 140 -36.87 -25.01 -8.77
CA ASP D 140 -37.20 -23.98 -9.76
C ASP D 140 -36.73 -22.57 -9.34
N LEU D 141 -36.01 -22.47 -8.20
CA LEU D 141 -35.51 -21.19 -7.68
C LEU D 141 -33.99 -21.03 -7.88
N GLN D 142 -33.62 -20.50 -9.06
CA GLN D 142 -32.23 -20.26 -9.45
C GLN D 142 -32.10 -18.81 -9.91
N LEU D 143 -31.34 -18.01 -9.15
CA LEU D 143 -31.13 -16.58 -9.43
C LEU D 143 -30.10 -16.35 -10.54
N CYS D 144 -29.17 -17.32 -10.72
CA CYS D 144 -28.13 -17.26 -11.76
C CYS D 144 -28.71 -17.56 -13.15
N VAL D 145 -29.65 -18.53 -13.23
CA VAL D 145 -30.28 -18.94 -14.48
C VAL D 145 -31.48 -18.04 -14.79
N ASN D 146 -32.52 -18.09 -13.94
CA ASN D 146 -33.74 -17.29 -14.09
C ASN D 146 -33.65 -15.99 -13.30
N GLY D 147 -34.52 -15.03 -13.65
CA GLY D 147 -34.59 -13.73 -13.01
C GLY D 147 -35.02 -13.78 -11.55
N CYS D 148 -34.49 -12.84 -10.74
CA CYS D 148 -34.77 -12.73 -9.31
C CYS D 148 -36.23 -12.31 -9.05
N PRO D 149 -36.85 -12.68 -7.89
CA PRO D 149 -38.26 -12.29 -7.66
C PRO D 149 -38.51 -10.78 -7.65
N LEU D 150 -39.68 -10.35 -8.17
CA LEU D 150 -40.10 -8.96 -8.28
C LEU D 150 -40.24 -8.26 -6.92
N SER D 151 -40.47 -9.05 -5.85
CA SER D 151 -40.60 -8.58 -4.46
C SER D 151 -39.27 -7.98 -3.98
N GLU D 152 -38.14 -8.61 -4.35
CA GLU D 152 -36.80 -8.16 -3.99
C GLU D 152 -36.28 -7.08 -4.96
N ARG D 153 -36.88 -7.00 -6.17
CA ARG D 153 -36.54 -6.05 -7.22
C ARG D 153 -36.98 -4.62 -6.86
N ILE D 154 -36.14 -3.63 -7.18
CA ILE D 154 -36.40 -2.21 -6.93
C ILE D 154 -36.62 -1.50 -8.27
N ASP D 155 -37.80 -0.85 -8.43
CA ASP D 155 -38.18 -0.12 -9.64
C ASP D 155 -38.78 1.24 -9.30
N UNK D 156 -23.70 3.63 -13.27
CA UNK D 156 -22.75 3.07 -12.33
C UNK D 156 -22.67 1.54 -12.42
N UNK D 157 -23.84 0.88 -12.57
CA UNK D 157 -23.96 -0.58 -12.68
C UNK D 157 -23.41 -1.10 -14.01
N UNK D 158 -23.62 -0.32 -15.10
CA UNK D 158 -23.16 -0.65 -16.45
C UNK D 158 -21.64 -0.54 -16.63
N UNK D 159 -21.00 0.41 -15.91
CA UNK D 159 -19.56 0.65 -15.96
C UNK D 159 -18.76 -0.46 -15.26
N UNK D 160 -19.27 -0.95 -14.12
CA UNK D 160 -18.64 -2.01 -13.32
C UNK D 160 -18.88 -3.41 -13.89
N UNK D 161 -19.91 -3.58 -14.73
CA UNK D 161 -20.28 -4.84 -15.38
C UNK D 161 -19.23 -5.31 -16.39
N UNK D 162 -18.53 -4.36 -17.05
CA UNK D 162 -17.49 -4.64 -18.04
C UNK D 162 -16.22 -5.24 -17.40
N UNK D 163 -15.84 -4.74 -16.20
CA UNK D 163 -14.65 -5.18 -15.45
C UNK D 163 -14.88 -6.47 -14.63
N UNK D 164 -16.13 -6.97 -14.58
CA UNK D 164 -16.52 -8.18 -13.85
C UNK D 164 -15.88 -9.46 -14.42
N UNK D 165 -15.74 -9.53 -15.76
CA UNK D 165 -15.14 -10.67 -16.46
C UNK D 165 -13.78 -10.31 -17.04
#